data_4YRR
#
_entry.id   4YRR
#
_cell.length_a   90.007
_cell.length_b   118.433
_cell.length_c   93.809
_cell.angle_alpha   90.000
_cell.angle_beta   91.200
_cell.angle_gamma   90.000
#
_symmetry.space_group_name_H-M   'C 1 2 1'
#
loop_
_entity.id
_entity.type
_entity.pdbx_description
1 polymer 'Histidyl-tRNA synthetase'
2 non-polymer HISTIDINE
3 non-polymer N-(quinolin-3-yl)acetamide
4 non-polymer 1,2-ETHANEDIOL
5 non-polymer 'SULFATE ION'
6 non-polymer 'DIMETHYL SULFOXIDE'
7 water water
#
_entity_poly.entity_id   1
_entity_poly.type   'polypeptide(L)'
_entity_poly.pdbx_seq_one_letter_code
;MAHHHHHHMGTLEAQTQGPGSMQKNMVETEPVQGCRDFPPEAMRCRRHLFDVFHATAKTFGFEEYDAPVLESEELYIRKA
GEEITEQMFNFITKGGHRVALRPEMTPSLARLLLGKGRSLLLPAKWYSIPQCWRYEAITRGRRREHYQWNMDIVGVKSVS
AEVELVCAACWAMRSLGLSSKDVGIKVNSRKVLQTVVEQAGVTSDKFAPVCVIVDKMEKIPREEVEAQLAVLGLEPTVVD
AITTTLSLKSIDEIAQRVGEEHEAVKELRQFFEQVEAYGYGDWVLFDASVVRGLAYYTGIVFEGFDREGKFRALCGGGRY
DNLLTTYGSPTPIPCAGFGFGDCVIVELLQEKRLLPDIPHVVDDVVIPFDESMRPHALAVLRRLRDAGRSADIILDKKKV
VQAFNYADRVGAVRAVLVAPEEWERGEVQVKMLREGTGKEEGGAERGFAVPLDRLV
;
_entity_poly.pdbx_strand_id   A,B
#
# COMPACT_ATOMS: atom_id res chain seq x y z
N MET A 26 0.89 -25.31 68.51
CA MET A 26 1.23 -24.67 67.19
C MET A 26 0.69 -23.25 67.10
N VAL A 27 1.51 -22.34 66.57
CA VAL A 27 1.03 -21.03 66.14
C VAL A 27 0.07 -21.22 64.97
N GLU A 28 -0.60 -20.14 64.58
CA GLU A 28 -1.49 -20.18 63.43
C GLU A 28 -0.63 -20.16 62.16
N THR A 29 -0.67 -21.25 61.39
CA THR A 29 0.10 -21.34 60.16
C THR A 29 -0.58 -20.61 59.00
N GLU A 30 -1.88 -20.39 59.11
CA GLU A 30 -2.61 -19.66 58.08
C GLU A 30 -2.32 -18.16 58.19
N PRO A 31 -2.37 -17.45 57.06
CA PRO A 31 -2.13 -16.01 57.12
C PRO A 31 -3.33 -15.26 57.64
N VAL A 32 -3.10 -14.01 57.99
CA VAL A 32 -4.15 -13.09 58.41
C VAL A 32 -5.27 -13.09 57.38
N GLN A 33 -6.50 -12.96 57.88
CA GLN A 33 -7.73 -13.03 57.10
C GLN A 33 -7.66 -12.23 55.79
N GLY A 34 -7.95 -12.91 54.69
CA GLY A 34 -7.98 -12.28 53.36
C GLY A 34 -6.63 -12.01 52.69
N CYS A 35 -5.54 -12.50 53.28
CA CYS A 35 -4.20 -12.26 52.74
C CYS A 35 -3.56 -13.56 52.26
N ARG A 36 -2.67 -13.46 51.26
CA ARG A 36 -2.09 -14.63 50.63
C ARG A 36 -0.62 -14.83 50.97
N ASP A 37 -0.24 -16.09 51.12
CA ASP A 37 1.15 -16.50 51.18
C ASP A 37 1.65 -16.82 49.77
N PHE A 38 2.96 -16.63 49.54
CA PHE A 38 3.57 -17.02 48.27
C PHE A 38 4.82 -17.85 48.53
N PRO A 39 4.62 -19.13 48.84
CA PRO A 39 5.76 -20.02 48.87
C PRO A 39 6.29 -20.16 47.46
N PRO A 40 7.48 -20.75 47.29
CA PRO A 40 8.16 -20.70 45.99
C PRO A 40 7.27 -21.03 44.79
N GLU A 41 6.47 -22.09 44.91
CA GLU A 41 5.58 -22.51 43.82
C GLU A 41 4.61 -21.41 43.43
N ALA A 42 3.92 -20.83 44.41
CA ALA A 42 3.00 -19.74 44.14
C ALA A 42 3.77 -18.50 43.67
N MET A 43 4.88 -18.20 44.35
CA MET A 43 5.71 -17.05 43.95
C MET A 43 6.22 -17.15 42.49
N ARG A 44 6.52 -18.34 42.00
CA ARG A 44 6.97 -18.46 40.60
C ARG A 44 5.89 -17.99 39.63
N CYS A 45 4.64 -18.25 39.97
CA CYS A 45 3.52 -17.82 39.17
C CYS A 45 3.38 -16.30 39.17
N ARG A 46 3.42 -15.71 40.36
CA ARG A 46 3.39 -14.26 40.52
C ARG A 46 4.54 -13.60 39.79
N ARG A 47 5.72 -14.21 39.87
CA ARG A 47 6.90 -13.70 39.18
C ARG A 47 6.73 -13.73 37.66
N HIS A 48 6.13 -14.79 37.15
CA HIS A 48 5.87 -14.92 35.71
C HIS A 48 4.98 -13.75 35.23
N LEU A 49 4.03 -13.35 36.08
CA LEU A 49 3.14 -12.27 35.76
C LEU A 49 3.88 -10.92 35.84
N PHE A 50 4.54 -10.70 36.97
CA PHE A 50 5.25 -9.45 37.20
C PHE A 50 6.33 -9.24 36.13
N ASP A 51 7.02 -10.31 35.73
CA ASP A 51 7.98 -10.19 34.62
C ASP A 51 7.32 -9.56 33.40
N VAL A 52 6.16 -10.07 33.02
CA VAL A 52 5.46 -9.50 31.88
C VAL A 52 5.12 -8.03 32.10
N PHE A 53 4.62 -7.66 33.29
CA PHE A 53 4.34 -6.27 33.60
C PHE A 53 5.59 -5.39 33.42
N HIS A 54 6.69 -5.79 34.04
CA HIS A 54 7.95 -5.09 33.92
C HIS A 54 8.47 -5.04 32.46
N ALA A 55 8.43 -6.15 31.77
CA ALA A 55 8.93 -6.20 30.40
C ALA A 55 8.08 -5.31 29.50
N THR A 56 6.77 -5.31 29.74
CA THR A 56 5.87 -4.50 28.91
C THR A 56 6.11 -3.03 29.19
N ALA A 57 6.29 -2.68 30.46
CA ALA A 57 6.56 -1.30 30.81
C ALA A 57 7.86 -0.84 30.15
N LYS A 58 8.89 -1.68 30.22
CA LYS A 58 10.17 -1.37 29.57
C LYS A 58 9.98 -1.21 28.05
N THR A 59 9.32 -2.17 27.43
CA THR A 59 9.03 -2.10 25.99
C THR A 59 8.33 -0.79 25.63
N PHE A 60 7.49 -0.26 26.53
CA PHE A 60 6.73 0.96 26.23
C PHE A 60 7.39 2.23 26.74
N GLY A 61 8.56 2.10 27.36
CA GLY A 61 9.32 3.25 27.84
C GLY A 61 8.79 3.87 29.12
N PHE A 62 8.15 3.08 29.96
CA PHE A 62 7.68 3.59 31.24
C PHE A 62 8.78 3.43 32.29
N GLU A 63 8.79 4.32 33.28
CA GLU A 63 9.80 4.33 34.34
C GLU A 63 9.19 3.86 35.63
N GLU A 64 9.93 3.04 36.37
CA GLU A 64 9.42 2.54 37.62
C GLU A 64 9.42 3.59 38.75
N TYR A 65 8.40 3.53 39.59
CA TYR A 65 8.36 4.34 40.81
C TYR A 65 7.71 3.56 41.94
N ASP A 66 7.86 4.08 43.15
CA ASP A 66 7.20 3.49 44.32
C ASP A 66 6.93 4.56 45.34
N ALA A 67 6.03 4.25 46.27
CA ALA A 67 5.71 5.12 47.40
C ALA A 67 5.17 4.25 48.52
N PRO A 68 5.03 4.81 49.74
CA PRO A 68 4.71 3.95 50.87
C PRO A 68 3.29 3.41 50.82
N VAL A 69 3.12 2.18 51.30
CA VAL A 69 1.82 1.52 51.36
C VAL A 69 0.92 2.20 52.41
N LEU A 70 1.56 2.88 53.35
CA LEU A 70 0.89 3.67 54.35
C LEU A 70 0.83 5.10 53.84
N GLU A 71 -0.38 5.59 53.59
CA GLU A 71 -0.57 7.00 53.24
C GLU A 71 -1.56 7.63 54.23
N SER A 72 -1.60 8.96 54.20
CA SER A 72 -2.57 9.73 54.99
C SER A 72 -3.98 9.53 54.42
N GLU A 73 -4.96 9.40 55.31
CA GLU A 73 -6.36 9.16 54.91
C GLU A 73 -6.97 10.35 54.15
N GLU A 74 -6.42 11.55 54.40
CA GLU A 74 -6.78 12.76 53.65
C GLU A 74 -6.79 12.51 52.15
N LEU A 75 -5.77 11.79 51.68
CA LEU A 75 -5.57 11.53 50.27
C LEU A 75 -6.80 10.92 49.58
N TYR A 76 -7.56 10.09 50.31
CA TYR A 76 -8.64 9.28 49.70
C TYR A 76 -10.08 9.74 49.96
N ILE A 77 -10.27 10.93 50.51
CA ILE A 77 -11.63 11.40 50.85
C ILE A 77 -12.24 12.23 49.71
N ARG A 78 -12.76 11.53 48.71
CA ARG A 78 -13.32 12.19 47.52
C ARG A 78 -14.83 12.44 47.61
N LYS A 79 -15.52 11.74 48.50
CA LYS A 79 -16.94 12.01 48.80
C LYS A 79 -17.90 11.79 47.62
N ALA A 80 -17.62 10.79 46.79
CA ALA A 80 -18.50 10.43 45.68
C ALA A 80 -19.20 9.10 45.92
N GLY A 81 -18.93 8.46 47.06
CA GLY A 81 -19.49 7.15 47.37
C GLY A 81 -18.84 6.05 46.56
N GLU A 82 -17.55 6.19 46.29
CA GLU A 82 -16.80 5.18 45.53
C GLU A 82 -16.62 3.91 46.37
N GLU A 83 -16.78 2.77 45.72
CA GLU A 83 -16.58 1.48 46.38
C GLU A 83 -15.16 1.37 46.93
N ILE A 84 -14.20 1.91 46.18
CA ILE A 84 -12.80 1.90 46.56
C ILE A 84 -12.55 2.60 47.91
N THR A 85 -13.21 3.73 48.13
CA THR A 85 -13.03 4.50 49.37
C THR A 85 -13.90 3.97 50.51
N GLU A 86 -15.06 3.41 50.18
CA GLU A 86 -15.92 2.75 51.16
C GLU A 86 -15.26 1.55 51.84
N GLN A 87 -14.40 0.85 51.11
CA GLN A 87 -13.77 -0.37 51.61
C GLN A 87 -12.33 -0.13 52.04
N MET A 88 -12.06 1.05 52.59
CA MET A 88 -10.70 1.48 52.92
C MET A 88 -10.21 0.85 54.22
N PHE A 89 -8.99 0.32 54.20
CA PHE A 89 -8.33 -0.32 55.35
C PHE A 89 -7.58 0.78 56.09
N ASN A 90 -8.30 1.54 56.90
CA ASN A 90 -7.74 2.71 57.58
C ASN A 90 -7.67 2.53 59.09
N PHE A 91 -6.79 3.30 59.74
CA PHE A 91 -6.68 3.26 61.19
C PHE A 91 -6.00 4.51 61.75
N ILE A 92 -6.03 4.64 63.07
CA ILE A 92 -5.44 5.78 63.78
C ILE A 92 -4.13 5.37 64.43
N THR A 93 -3.09 6.17 64.23
CA THR A 93 -1.78 5.91 64.81
C THR A 93 -1.80 6.24 66.30
N LYS A 94 -0.84 5.68 67.06
CA LYS A 94 -0.66 6.03 68.47
C LYS A 94 -0.62 7.56 68.67
N GLY A 95 0.05 8.25 67.74
CA GLY A 95 0.14 9.71 67.73
C GLY A 95 -1.05 10.45 67.14
N GLY A 96 -2.13 9.73 66.83
CA GLY A 96 -3.42 10.35 66.50
C GLY A 96 -3.62 10.79 65.07
N HIS A 97 -2.75 10.33 64.16
CA HIS A 97 -2.84 10.70 62.75
C HIS A 97 -3.69 9.67 62.01
N ARG A 98 -4.60 10.16 61.18
CA ARG A 98 -5.46 9.29 60.37
C ARG A 98 -4.69 8.79 59.13
N VAL A 99 -4.38 7.50 59.10
CA VAL A 99 -3.67 6.86 57.98
C VAL A 99 -4.44 5.66 57.46
N ALA A 100 -4.01 5.18 56.30
CA ALA A 100 -4.63 4.02 55.68
C ALA A 100 -3.63 3.28 54.80
N LEU A 101 -3.76 1.96 54.76
CA LEU A 101 -3.08 1.16 53.77
C LEU A 101 -3.79 1.50 52.47
N ARG A 102 -3.00 1.94 51.49
CA ARG A 102 -3.54 2.42 50.24
C ARG A 102 -4.55 1.42 49.66
N PRO A 103 -5.69 1.89 49.14
CA PRO A 103 -6.61 1.06 48.37
C PRO A 103 -6.33 1.12 46.87
N GLU A 104 -5.58 2.13 46.44
CA GLU A 104 -5.17 2.27 45.04
C GLU A 104 -3.91 3.12 45.04
N MET A 105 -3.28 3.23 43.88
CA MET A 105 -2.02 3.95 43.77
C MET A 105 -2.14 5.38 43.24
N THR A 106 -3.15 5.63 42.41
CA THR A 106 -3.25 6.90 41.69
C THR A 106 -3.07 8.14 42.60
N PRO A 107 -3.71 8.17 43.79
CA PRO A 107 -3.52 9.32 44.69
C PRO A 107 -2.06 9.50 45.15
N SER A 108 -1.37 8.41 45.49
CA SER A 108 0.06 8.46 45.74
C SER A 108 0.84 9.05 44.55
N LEU A 109 0.51 8.62 43.34
CA LEU A 109 1.15 9.14 42.12
C LEU A 109 0.95 10.65 42.04
N ALA A 110 -0.31 11.06 42.15
CA ALA A 110 -0.63 12.49 42.13
C ALA A 110 0.20 13.28 43.16
N ARG A 111 0.35 12.74 44.37
CA ARG A 111 1.15 13.38 45.43
C ARG A 111 2.61 13.56 45.00
N LEU A 112 3.17 12.50 44.45
CA LEU A 112 4.55 12.56 43.97
C LEU A 112 4.73 13.59 42.87
N LEU A 113 3.82 13.62 41.91
CA LEU A 113 3.89 14.58 40.80
C LEU A 113 3.75 15.99 41.33
N LEU A 114 2.77 16.17 42.21
CA LEU A 114 2.52 17.47 42.82
C LEU A 114 3.75 17.94 43.58
N GLY A 115 4.38 17.04 44.31
CA GLY A 115 5.61 17.35 45.02
C GLY A 115 6.74 17.81 44.11
N LYS A 116 6.87 17.20 42.93
CA LYS A 116 7.93 17.59 41.98
C LYS A 116 7.71 18.96 41.32
N GLY A 117 6.46 19.36 41.11
CA GLY A 117 6.15 20.69 40.58
C GLY A 117 6.66 20.84 39.16
N ARG A 118 7.24 22.01 38.85
CA ARG A 118 7.76 22.27 37.50
C ARG A 118 9.11 21.59 37.25
N SER A 119 9.72 21.03 38.29
CA SER A 119 10.96 20.25 38.11
C SER A 119 10.75 18.96 37.29
N LEU A 120 9.53 18.46 37.19
CA LEU A 120 9.25 17.22 36.45
C LEU A 120 9.18 17.43 34.94
N LEU A 121 10.06 16.76 34.20
CA LEU A 121 10.00 16.77 32.74
C LEU A 121 8.72 16.07 32.31
N LEU A 122 7.98 16.73 31.43
CA LEU A 122 6.78 16.18 30.83
C LEU A 122 6.97 16.09 29.33
N PRO A 123 6.42 15.06 28.68
CA PRO A 123 5.58 14.03 29.32
C PRO A 123 6.35 13.04 30.17
N ALA A 124 5.68 12.53 31.20
CA ALA A 124 6.21 11.45 32.03
C ALA A 124 5.34 10.19 31.94
N LYS A 125 6.00 9.03 31.90
CA LYS A 125 5.31 7.75 31.85
C LYS A 125 5.83 6.93 33.00
N TRP A 126 5.02 6.79 34.06
CA TRP A 126 5.45 6.15 35.28
C TRP A 126 4.64 4.87 35.55
N TYR A 127 5.28 3.84 36.10
CA TYR A 127 4.60 2.59 36.39
C TYR A 127 5.04 2.02 37.73
N SER A 128 4.20 1.18 38.30
CA SER A 128 4.52 0.51 39.56
CA SER A 128 4.49 0.53 39.56
C SER A 128 3.66 -0.74 39.71
N ILE A 129 4.07 -1.65 40.59
CA ILE A 129 3.28 -2.83 40.91
C ILE A 129 2.95 -2.87 42.44
N PRO A 130 2.30 -1.82 42.97
CA PRO A 130 1.95 -1.81 44.41
C PRO A 130 0.99 -2.89 44.85
N GLN A 131 1.27 -3.49 45.99
CA GLN A 131 0.20 -4.16 46.72
C GLN A 131 -0.75 -3.07 47.21
N CYS A 132 -2.05 -3.29 47.04
CA CYS A 132 -3.08 -2.37 47.57
C CYS A 132 -4.05 -3.16 48.47
N TRP A 133 -4.73 -2.43 49.35
CA TRP A 133 -5.44 -3.01 50.50
C TRP A 133 -6.90 -2.57 50.65
N ARG A 134 -7.70 -3.44 51.28
CA ARG A 134 -9.11 -3.15 51.59
C ARG A 134 -9.58 -4.00 52.77
N TYR A 135 -10.54 -3.50 53.54
CA TYR A 135 -11.11 -4.24 54.66
C TYR A 135 -12.38 -4.99 54.25
N ARG A 143 -10.81 -11.51 49.78
CA ARG A 143 -9.44 -10.99 49.66
C ARG A 143 -9.36 -9.52 50.07
N ARG A 144 -8.42 -9.22 50.95
CA ARG A 144 -8.20 -7.87 51.45
C ARG A 144 -6.96 -7.21 50.85
N GLU A 145 -6.36 -7.90 49.90
CA GLU A 145 -5.06 -7.54 49.43
C GLU A 145 -4.91 -8.03 47.99
N HIS A 146 -4.39 -7.18 47.12
CA HIS A 146 -4.00 -7.60 45.77
C HIS A 146 -2.84 -6.74 45.27
N TYR A 147 -2.16 -7.22 44.24
CA TYR A 147 -1.14 -6.45 43.55
C TYR A 147 -1.78 -5.88 42.32
N GLN A 148 -1.40 -4.65 41.99
CA GLN A 148 -2.01 -3.94 40.89
C GLN A 148 -0.97 -3.18 40.10
N TRP A 149 -0.70 -3.67 38.90
CA TRP A 149 0.17 -2.98 37.96
C TRP A 149 -0.50 -1.68 37.60
N ASN A 150 0.20 -0.57 37.83
CA ASN A 150 -0.29 0.73 37.45
C ASN A 150 0.54 1.30 36.35
N MET A 151 -0.10 1.85 35.33
CA MET A 151 0.63 2.57 34.29
C MET A 151 -0.05 3.91 34.08
N ASP A 152 0.72 5.00 34.09
CA ASP A 152 0.15 6.31 33.91
C ASP A 152 1.00 7.19 33.02
N ILE A 153 0.32 7.97 32.18
CA ILE A 153 0.96 8.97 31.34
C ILE A 153 0.54 10.35 31.79
N VAL A 154 1.53 11.19 32.05
CA VAL A 154 1.32 12.52 32.59
C VAL A 154 1.80 13.56 31.59
N GLY A 155 0.96 14.55 31.29
CA GLY A 155 1.36 15.70 30.46
C GLY A 155 0.99 15.59 28.99
N VAL A 156 0.10 14.65 28.66
CA VAL A 156 -0.35 14.45 27.30
C VAL A 156 -1.84 14.71 27.19
N LYS A 157 -2.19 15.84 26.58
CA LYS A 157 -3.58 16.19 26.34
C LYS A 157 -4.31 15.23 25.40
N SER A 158 -3.62 14.68 24.42
CA SER A 158 -4.28 13.99 23.33
C SER A 158 -4.50 12.49 23.59
N VAL A 159 -5.41 11.89 22.83
CA VAL A 159 -5.80 10.51 23.03
C VAL A 159 -4.71 9.49 22.71
N SER A 160 -3.60 9.95 22.15
CA SER A 160 -2.42 9.09 22.00
C SER A 160 -2.01 8.45 23.35
N ALA A 161 -2.30 9.13 24.46
CA ALA A 161 -2.04 8.56 25.78
C ALA A 161 -2.88 7.32 26.00
N GLU A 162 -4.19 7.47 25.84
CA GLU A 162 -5.10 6.34 26.04
C GLU A 162 -4.79 5.23 25.04
N VAL A 163 -4.48 5.59 23.80
CA VAL A 163 -4.06 4.59 22.80
C VAL A 163 -2.92 3.74 23.33
N GLU A 164 -1.83 4.38 23.72
CA GLU A 164 -0.67 3.68 24.23
C GLU A 164 -0.97 2.79 25.46
N LEU A 165 -1.72 3.34 26.41
CA LEU A 165 -2.07 2.62 27.63
C LEU A 165 -2.86 1.37 27.32
N VAL A 166 -3.86 1.51 26.46
CA VAL A 166 -4.65 0.39 26.05
C VAL A 166 -3.79 -0.63 25.32
N CYS A 167 -2.93 -0.19 24.38
CA CYS A 167 -2.04 -1.12 23.69
C CYS A 167 -1.12 -1.82 24.67
N ALA A 168 -0.65 -1.10 25.68
CA ALA A 168 0.20 -1.71 26.73
C ALA A 168 -0.51 -2.83 27.48
N ALA A 169 -1.79 -2.61 27.80
CA ALA A 169 -2.56 -3.62 28.49
C ALA A 169 -2.75 -4.86 27.61
N CYS A 170 -3.10 -4.65 26.35
CA CYS A 170 -3.23 -5.75 25.40
C CYS A 170 -1.90 -6.48 25.24
N TRP A 171 -0.83 -5.71 25.10
CA TRP A 171 0.52 -6.24 24.95
C TRP A 171 0.89 -7.20 26.08
N ALA A 172 0.54 -6.82 27.31
CA ALA A 172 0.82 -7.66 28.46
C ALA A 172 0.01 -8.95 28.38
N MET A 173 -1.26 -8.83 28.02
CA MET A 173 -2.10 -10.01 27.89
C MET A 173 -1.61 -10.92 26.78
N ARG A 174 -1.23 -10.37 25.63
CA ARG A 174 -0.70 -11.19 24.56
C ARG A 174 0.60 -11.87 24.96
N SER A 175 1.44 -11.16 25.71
CA SER A 175 2.70 -11.73 26.21
C SER A 175 2.46 -12.93 27.13
N LEU A 176 1.36 -12.91 27.88
CA LEU A 176 0.97 -14.03 28.73
C LEU A 176 0.35 -15.22 27.96
N GLY A 177 0.20 -15.09 26.65
CA GLY A 177 -0.34 -16.14 25.78
C GLY A 177 -1.80 -15.97 25.37
N LEU A 178 -2.43 -14.89 25.80
CA LEU A 178 -3.82 -14.64 25.46
C LEU A 178 -3.92 -14.04 24.06
N SER A 179 -5.05 -14.29 23.39
CA SER A 179 -5.31 -13.72 22.07
C SER A 179 -6.51 -12.80 22.09
N SER A 180 -6.76 -12.14 20.97
CA SER A 180 -7.93 -11.29 20.80
C SER A 180 -9.22 -12.10 20.80
N LYS A 181 -9.11 -13.41 20.59
CA LYS A 181 -10.25 -14.32 20.77
C LYS A 181 -10.56 -14.53 22.25
N ASP A 182 -9.54 -14.50 23.09
CA ASP A 182 -9.72 -14.72 24.52
C ASP A 182 -10.22 -13.47 25.24
N VAL A 183 -9.65 -12.31 24.91
CA VAL A 183 -9.95 -11.08 25.63
C VAL A 183 -10.08 -9.88 24.70
N GLY A 184 -10.60 -8.80 25.27
CA GLY A 184 -10.60 -7.50 24.61
C GLY A 184 -10.65 -6.36 25.62
N ILE A 185 -10.63 -5.13 25.12
CA ILE A 185 -10.80 -3.93 25.95
C ILE A 185 -12.01 -3.12 25.48
N LYS A 186 -12.98 -2.93 26.37
CA LYS A 186 -14.15 -2.08 26.10
C LYS A 186 -13.76 -0.65 26.30
N VAL A 187 -14.18 0.24 25.41
CA VAL A 187 -13.75 1.64 25.47
C VAL A 187 -14.93 2.61 25.34
N ASN A 188 -14.90 3.69 26.09
CA ASN A 188 -15.96 4.71 26.05
C ASN A 188 -15.35 6.07 26.42
N SER A 189 -16.10 7.15 26.23
CA SER A 189 -15.75 8.43 26.81
C SER A 189 -16.84 8.91 27.75
N ARG A 190 -16.46 9.34 28.95
CA ARG A 190 -17.39 9.96 29.91
C ARG A 190 -17.96 11.31 29.46
N LYS A 191 -17.36 11.93 28.43
CA LYS A 191 -17.84 13.22 27.93
C LYS A 191 -19.25 13.20 27.32
N VAL A 192 -19.65 12.05 26.79
CA VAL A 192 -21.00 11.88 26.25
C VAL A 192 -22.02 12.05 27.38
N LEU A 193 -21.87 11.24 28.44
CA LEU A 193 -22.74 11.33 29.60
C LEU A 193 -22.66 12.70 30.26
N GLN A 194 -21.49 13.32 30.23
CA GLN A 194 -21.31 14.67 30.78
C GLN A 194 -22.26 15.65 30.11
N THR A 195 -22.21 15.68 28.79
CA THR A 195 -23.06 16.53 27.98
C THR A 195 -24.55 16.29 28.27
N VAL A 196 -24.94 15.01 28.37
CA VAL A 196 -26.34 14.65 28.65
C VAL A 196 -26.78 15.11 30.03
N VAL A 197 -25.93 14.90 31.04
CA VAL A 197 -26.19 15.33 32.41
C VAL A 197 -26.27 16.85 32.48
N GLU A 198 -25.36 17.54 31.80
CA GLU A 198 -25.35 19.00 31.81
C GLU A 198 -26.57 19.59 31.09
N GLN A 199 -26.98 18.97 29.99
CA GLN A 199 -28.16 19.41 29.24
C GLN A 199 -29.48 19.24 30.01
N ALA A 200 -29.48 18.40 31.04
CA ALA A 200 -30.64 18.24 31.92
C ALA A 200 -30.64 19.25 33.09
N GLY A 201 -29.71 20.20 33.08
CA GLY A 201 -29.64 21.24 34.10
C GLY A 201 -29.06 20.75 35.42
N VAL A 202 -28.31 19.66 35.36
CA VAL A 202 -27.73 19.06 36.56
C VAL A 202 -26.44 19.78 36.91
N THR A 203 -26.25 20.03 38.21
CA THR A 203 -25.04 20.67 38.70
C THR A 203 -23.85 19.74 38.45
N SER A 204 -22.76 20.30 37.95
CA SER A 204 -21.59 19.50 37.59
C SER A 204 -21.03 18.67 38.76
N ASP A 205 -21.26 19.13 40.00
CA ASP A 205 -20.85 18.39 41.20
C ASP A 205 -21.51 17.00 41.36
N LYS A 206 -22.64 16.79 40.69
CA LYS A 206 -23.32 15.49 40.71
C LYS A 206 -22.77 14.52 39.65
N PHE A 207 -22.06 15.02 38.65
CA PHE A 207 -21.57 14.18 37.55
C PHE A 207 -20.75 12.98 38.04
N ALA A 208 -19.78 13.25 38.92
CA ALA A 208 -18.97 12.17 39.49
C ALA A 208 -19.82 11.11 40.22
N PRO A 209 -20.67 11.52 41.19
CA PRO A 209 -21.57 10.55 41.82
C PRO A 209 -22.44 9.78 40.84
N VAL A 210 -22.93 10.45 39.81
CA VAL A 210 -23.70 9.79 38.75
C VAL A 210 -22.87 8.66 38.15
N CYS A 211 -21.65 8.96 37.69
CA CYS A 211 -20.78 7.91 37.14
C CYS A 211 -20.61 6.73 38.12
N VAL A 212 -20.37 7.04 39.39
CA VAL A 212 -20.20 6.00 40.42
C VAL A 212 -21.45 5.12 40.51
N ILE A 213 -22.61 5.72 40.37
CA ILE A 213 -23.88 5.00 40.41
C ILE A 213 -24.11 4.19 39.14
N VAL A 214 -23.90 4.83 38.00
CA VAL A 214 -24.13 4.20 36.70
C VAL A 214 -23.18 3.02 36.48
N ASP A 215 -21.98 3.10 37.05
CA ASP A 215 -21.04 2.00 37.06
C ASP A 215 -21.67 0.72 37.64
N LYS A 216 -22.50 0.87 38.67
CA LYS A 216 -23.12 -0.27 39.36
C LYS A 216 -24.12 -1.06 38.50
N MET A 217 -24.71 -0.41 37.49
CA MET A 217 -25.73 -1.05 36.65
C MET A 217 -25.17 -2.22 35.85
N ILE A 220 -25.98 -4.61 39.80
CA ILE A 220 -27.24 -4.56 40.53
C ILE A 220 -28.39 -4.28 39.56
N PRO A 221 -29.65 -4.50 40.00
CA PRO A 221 -30.79 -4.30 39.09
C PRO A 221 -30.95 -2.85 38.64
N ARG A 222 -31.58 -2.66 37.49
CA ARG A 222 -31.84 -1.32 36.96
C ARG A 222 -32.64 -0.50 37.96
N GLU A 223 -33.67 -1.12 38.54
CA GLU A 223 -34.50 -0.48 39.56
C GLU A 223 -33.68 0.04 40.74
N GLU A 224 -32.66 -0.74 41.14
CA GLU A 224 -31.76 -0.35 42.23
C GLU A 224 -30.92 0.89 41.86
N VAL A 225 -30.36 0.91 40.64
CA VAL A 225 -29.57 2.05 40.16
C VAL A 225 -30.43 3.29 39.93
N GLU A 226 -31.62 3.09 39.36
CA GLU A 226 -32.62 4.16 39.21
C GLU A 226 -32.96 4.85 40.53
N ALA A 227 -33.12 4.04 41.58
CA ALA A 227 -33.44 4.55 42.91
C ALA A 227 -32.31 5.40 43.48
N GLN A 228 -31.08 4.96 43.30
CA GLN A 228 -29.89 5.67 43.82
C GLN A 228 -29.69 7.04 43.17
N LEU A 229 -30.04 7.15 41.89
CA LEU A 229 -29.93 8.42 41.16
C LEU A 229 -30.93 9.45 41.66
N ALA A 230 -32.13 8.97 42.00
CA ALA A 230 -33.18 9.82 42.57
C ALA A 230 -32.72 10.48 43.87
N VAL A 231 -32.02 9.73 44.72
CA VAL A 231 -31.52 10.26 46.00
C VAL A 231 -30.49 11.37 45.79
N LEU A 232 -29.67 11.25 44.75
CA LEU A 232 -28.74 12.31 44.36
C LEU A 232 -29.50 13.56 43.90
N GLY A 233 -30.71 13.34 43.35
CA GLY A 233 -31.65 14.41 43.04
C GLY A 233 -31.98 14.54 41.57
N LEU A 234 -32.19 13.40 40.91
CA LEU A 234 -32.40 13.36 39.46
C LEU A 234 -33.82 12.93 39.15
N GLU A 235 -34.55 13.78 38.43
CA GLU A 235 -35.92 13.48 38.03
C GLU A 235 -35.91 12.35 37.00
N PRO A 236 -37.01 11.58 36.92
CA PRO A 236 -37.05 10.40 36.03
C PRO A 236 -36.66 10.66 34.56
N THR A 237 -36.93 11.86 34.05
CA THR A 237 -36.60 12.22 32.67
C THR A 237 -35.09 12.22 32.43
N VAL A 238 -34.34 12.71 33.43
CA VAL A 238 -32.87 12.73 33.38
C VAL A 238 -32.31 11.30 33.43
N VAL A 239 -32.92 10.47 34.26
CA VAL A 239 -32.52 9.06 34.42
C VAL A 239 -32.75 8.30 33.12
N ASP A 240 -33.87 8.59 32.46
CA ASP A 240 -34.22 7.96 31.19
C ASP A 240 -33.17 8.29 30.11
N ALA A 241 -32.80 9.56 30.02
CA ALA A 241 -31.78 10.01 29.06
C ALA A 241 -30.45 9.32 29.33
N ILE A 242 -30.07 9.26 30.61
CA ILE A 242 -28.87 8.54 31.03
C ILE A 242 -28.91 7.08 30.60
N THR A 243 -30.02 6.40 30.89
CA THR A 243 -30.20 4.99 30.54
C THR A 243 -30.04 4.75 29.05
N THR A 244 -30.77 5.53 28.25
CA THR A 244 -30.77 5.39 26.80
C THR A 244 -29.37 5.49 26.21
N THR A 245 -28.58 6.44 26.68
CA THR A 245 -27.27 6.69 26.09
C THR A 245 -26.29 5.57 26.37
N LEU A 246 -26.42 4.92 27.53
CA LEU A 246 -25.55 3.78 27.88
C LEU A 246 -25.83 2.56 27.02
N SER A 247 -27.05 2.47 26.51
CA SER A 247 -27.46 1.34 25.68
CA SER A 247 -27.46 1.34 25.68
C SER A 247 -27.25 1.60 24.19
N LEU A 248 -26.70 2.77 23.84
CA LEU A 248 -26.37 3.07 22.45
C LEU A 248 -25.17 2.20 22.04
N LYS A 249 -25.29 1.51 20.92
CA LYS A 249 -24.38 0.41 20.60
C LYS A 249 -23.24 0.75 19.65
N SER A 250 -23.21 1.96 19.11
CA SER A 250 -22.13 2.36 18.21
C SER A 250 -21.76 3.83 18.37
N ILE A 251 -20.63 4.19 17.78
CA ILE A 251 -20.17 5.58 17.80
C ILE A 251 -21.07 6.43 16.90
N ASP A 252 -21.53 5.85 15.79
CA ASP A 252 -22.45 6.56 14.89
C ASP A 252 -23.71 6.96 15.64
N GLU A 253 -24.26 6.05 16.44
CA GLU A 253 -25.45 6.34 17.23
C GLU A 253 -25.19 7.43 18.27
N ILE A 254 -23.99 7.46 18.83
CA ILE A 254 -23.57 8.56 19.70
C ILE A 254 -23.49 9.87 18.91
N ALA A 255 -22.94 9.81 17.70
CA ALA A 255 -22.86 10.98 16.83
C ALA A 255 -24.26 11.54 16.50
N GLN A 256 -25.22 10.64 16.27
CA GLN A 256 -26.61 11.06 16.02
C GLN A 256 -27.21 11.80 17.21
N ARG A 257 -26.81 11.42 18.42
CA ARG A 257 -27.37 12.00 19.63
C ARG A 257 -26.73 13.35 19.99
N VAL A 258 -25.40 13.41 20.00
CA VAL A 258 -24.67 14.61 20.44
C VAL A 258 -23.87 15.32 19.34
N GLY A 259 -23.88 14.79 18.13
CA GLY A 259 -23.18 15.39 17.00
C GLY A 259 -21.85 14.73 16.70
N GLU A 260 -21.46 14.76 15.43
CA GLU A 260 -20.20 14.20 14.96
C GLU A 260 -18.99 15.02 15.41
N GLU A 261 -19.16 16.32 15.64
CA GLU A 261 -18.01 17.17 16.04
C GLU A 261 -17.88 17.30 17.56
N HIS A 262 -18.71 16.55 18.30
CA HIS A 262 -18.58 16.46 19.76
C HIS A 262 -17.22 15.85 20.11
N GLU A 263 -16.54 16.41 21.11
CA GLU A 263 -15.22 15.96 21.53
C GLU A 263 -15.13 14.44 21.65
N ALA A 264 -16.03 13.87 22.43
CA ALA A 264 -16.11 12.40 22.61
C ALA A 264 -16.05 11.63 21.29
N VAL A 265 -16.81 12.06 20.30
CA VAL A 265 -16.86 11.33 19.02
C VAL A 265 -15.53 11.45 18.31
N LYS A 266 -15.06 12.68 18.15
CA LYS A 266 -13.78 12.97 17.52
C LYS A 266 -12.64 12.20 18.20
N GLU A 267 -12.62 12.23 19.52
CA GLU A 267 -11.58 11.58 20.29
C GLU A 267 -11.63 10.06 20.17
N LEU A 268 -12.83 9.48 20.29
CA LEU A 268 -12.97 8.03 20.16
C LEU A 268 -12.57 7.54 18.76
N ARG A 269 -12.88 8.34 17.74
CA ARG A 269 -12.52 7.96 16.37
C ARG A 269 -11.00 7.96 16.21
N GLN A 270 -10.34 9.02 16.69
CA GLN A 270 -8.88 9.08 16.74
C GLN A 270 -8.31 7.86 17.44
N PHE A 271 -8.85 7.58 18.62
CA PHE A 271 -8.42 6.44 19.40
C PHE A 271 -8.41 5.13 18.58
N PHE A 272 -9.53 4.78 17.96
CA PHE A 272 -9.63 3.50 17.22
C PHE A 272 -8.74 3.49 15.96
N GLU A 273 -8.66 4.63 15.30
CA GLU A 273 -7.78 4.81 14.17
C GLU A 273 -6.35 4.47 14.59
N GLN A 274 -5.92 4.99 15.74
CA GLN A 274 -4.54 4.78 16.21
C GLN A 274 -4.24 3.34 16.65
N VAL A 275 -5.18 2.72 17.37
CA VAL A 275 -5.02 1.32 17.77
C VAL A 275 -5.01 0.41 16.55
N GLU A 276 -5.87 0.70 15.57
CA GLU A 276 -5.89 -0.01 14.30
C GLU A 276 -4.50 0.09 13.65
N ALA A 277 -3.95 1.31 13.60
CA ALA A 277 -2.63 1.55 13.02
C ALA A 277 -1.48 0.81 13.73
N TYR A 278 -1.57 0.72 15.06
CA TYR A 278 -0.57 -0.01 15.85
C TYR A 278 -0.69 -1.53 15.70
N GLY A 279 -1.84 -2.00 15.19
CA GLY A 279 -2.04 -3.41 14.88
C GLY A 279 -2.85 -4.20 15.90
N TYR A 280 -3.57 -3.49 16.77
CA TYR A 280 -4.37 -4.14 17.82
C TYR A 280 -5.85 -3.88 17.67
N GLY A 281 -6.30 -3.60 16.46
CA GLY A 281 -7.72 -3.33 16.18
C GLY A 281 -8.68 -4.41 16.64
N ASP A 282 -8.27 -5.67 16.54
CA ASP A 282 -9.13 -6.79 16.94
C ASP A 282 -9.31 -6.86 18.46
N TRP A 283 -8.45 -6.16 19.22
CA TRP A 283 -8.50 -6.22 20.68
C TRP A 283 -9.46 -5.22 21.33
N VAL A 284 -9.93 -4.25 20.56
CA VAL A 284 -10.63 -3.10 21.14
C VAL A 284 -11.98 -2.88 20.50
N LEU A 285 -12.90 -2.31 21.27
CA LEU A 285 -14.25 -2.07 20.80
C LEU A 285 -14.93 -1.04 21.67
N PHE A 286 -15.99 -0.45 21.12
CA PHE A 286 -16.77 0.57 21.81
C PHE A 286 -17.89 -0.04 22.67
N ASP A 287 -18.05 0.45 23.89
CA ASP A 287 -19.16 0.05 24.76
C ASP A 287 -19.60 1.27 25.57
N ALA A 288 -20.77 1.79 25.24
CA ALA A 288 -21.29 3.00 25.88
C ALA A 288 -21.67 2.84 27.36
N SER A 289 -21.68 1.61 27.87
CA SER A 289 -22.01 1.36 29.26
C SER A 289 -20.81 1.47 30.20
N VAL A 290 -19.60 1.46 29.65
CA VAL A 290 -18.39 1.53 30.45
C VAL A 290 -18.18 2.96 30.97
N VAL A 291 -18.19 3.11 32.28
CA VAL A 291 -17.87 4.41 32.91
C VAL A 291 -16.79 4.33 33.99
N ARG A 292 -16.59 3.14 34.57
CA ARG A 292 -15.73 2.92 35.75
C ARG A 292 -16.31 3.53 37.02
N GLY A 293 -15.83 3.03 38.15
CA GLY A 293 -16.35 3.40 39.46
C GLY A 293 -15.67 4.58 40.12
N LEU A 294 -14.64 5.13 39.49
CA LEU A 294 -13.83 6.17 40.13
C LEU A 294 -14.29 7.57 39.77
N ALA A 295 -14.30 8.44 40.77
CA ALA A 295 -14.82 9.80 40.62
C ALA A 295 -14.03 10.61 39.60
N TYR A 296 -12.73 10.39 39.55
CA TYR A 296 -11.85 11.34 38.88
C TYR A 296 -11.72 11.21 37.36
N TYR A 297 -12.31 10.19 36.74
CA TYR A 297 -12.17 10.05 35.27
C TYR A 297 -13.00 11.12 34.55
N THR A 298 -12.37 11.82 33.61
CA THR A 298 -13.00 12.94 32.92
C THR A 298 -13.29 12.67 31.44
N GLY A 299 -12.50 11.81 30.80
CA GLY A 299 -12.63 11.56 29.37
C GLY A 299 -12.79 10.09 29.03
N ILE A 300 -11.91 9.60 28.16
CA ILE A 300 -11.92 8.19 27.76
C ILE A 300 -11.75 7.30 28.99
N VAL A 301 -12.53 6.22 29.04
CA VAL A 301 -12.42 5.21 30.08
C VAL A 301 -12.46 3.84 29.41
N PHE A 302 -11.85 2.85 30.04
CA PHE A 302 -11.77 1.53 29.42
C PHE A 302 -11.57 0.43 30.44
N GLU A 303 -11.88 -0.80 30.04
CA GLU A 303 -11.67 -1.96 30.88
C GLU A 303 -11.53 -3.25 30.06
N GLY A 304 -10.63 -4.12 30.51
CA GLY A 304 -10.40 -5.40 29.88
C GLY A 304 -11.38 -6.43 30.38
N PHE A 305 -11.73 -7.39 29.52
CA PHE A 305 -12.73 -8.39 29.84
C PHE A 305 -12.44 -9.67 29.08
N ASP A 306 -12.83 -10.82 29.64
CA ASP A 306 -12.72 -12.07 28.89
C ASP A 306 -13.93 -12.22 27.98
N ARG A 307 -13.67 -12.71 26.77
CA ARG A 307 -14.69 -12.85 25.73
C ARG A 307 -15.72 -13.94 26.01
N GLU A 308 -15.53 -14.72 27.08
CA GLU A 308 -16.50 -15.74 27.46
C GLU A 308 -17.47 -15.25 28.53
N GLY A 309 -17.28 -14.03 29.02
CA GLY A 309 -18.17 -13.45 30.02
C GLY A 309 -18.13 -14.14 31.37
N LYS A 310 -16.99 -14.75 31.70
CA LYS A 310 -16.83 -15.52 32.94
C LYS A 310 -16.25 -14.76 34.13
N PHE A 311 -15.44 -13.75 33.87
CA PHE A 311 -14.70 -13.08 34.94
C PHE A 311 -15.03 -11.62 35.04
N ARG A 312 -14.74 -11.04 36.21
CA ARG A 312 -14.79 -9.59 36.39
C ARG A 312 -13.70 -8.92 35.54
N ALA A 313 -13.59 -7.61 35.64
CA ALA A 313 -12.70 -6.84 34.78
C ALA A 313 -11.24 -7.20 35.04
N LEU A 314 -10.48 -7.36 33.95
CA LEU A 314 -9.06 -7.72 34.02
C LEU A 314 -8.20 -6.51 34.33
N CYS A 315 -8.63 -5.36 33.84
CA CYS A 315 -7.95 -4.10 34.10
C CYS A 315 -8.91 -2.98 33.83
N GLY A 316 -8.58 -1.79 34.32
CA GLY A 316 -9.43 -0.62 34.15
C GLY A 316 -8.68 0.69 34.31
N GLY A 317 -9.15 1.72 33.63
CA GLY A 317 -8.48 3.00 33.67
C GLY A 317 -9.20 4.05 32.85
N GLY A 318 -8.52 5.16 32.61
CA GLY A 318 -9.10 6.27 31.90
C GLY A 318 -8.31 7.56 32.07
N ARG A 319 -8.80 8.62 31.46
CA ARG A 319 -8.20 9.93 31.57
C ARG A 319 -8.78 10.65 32.78
N TYR A 320 -7.93 11.31 33.56
CA TYR A 320 -8.33 12.08 34.73
C TYR A 320 -7.62 13.45 34.78
N ASP A 321 -8.13 14.39 33.99
CA ASP A 321 -7.45 15.67 33.78
C ASP A 321 -7.62 16.72 34.88
N ASN A 322 -8.53 16.48 35.82
CA ASN A 322 -8.73 17.43 36.90
C ASN A 322 -8.03 17.05 38.19
N LEU A 323 -7.71 15.77 38.36
CA LEU A 323 -7.26 15.29 39.66
C LEU A 323 -6.23 16.20 40.34
N LEU A 324 -5.20 16.57 39.59
CA LEU A 324 -4.10 17.36 40.15
C LEU A 324 -4.56 18.78 40.49
N THR A 325 -5.53 19.30 39.74
CA THR A 325 -6.14 20.58 40.08
C THR A 325 -6.87 20.49 41.43
N THR A 326 -7.61 19.40 41.66
CA THR A 326 -8.29 19.21 42.95
C THR A 326 -7.30 19.11 44.11
N TYR A 327 -6.11 18.57 43.83
CA TYR A 327 -5.06 18.48 44.84
C TYR A 327 -4.32 19.81 45.08
N GLY A 328 -4.60 20.82 44.26
CA GLY A 328 -4.00 22.15 44.43
C GLY A 328 -2.92 22.54 43.43
N SER A 329 -2.76 21.80 42.33
CA SER A 329 -1.79 22.21 41.30
C SER A 329 -2.21 23.57 40.76
N PRO A 330 -1.26 24.53 40.74
CA PRO A 330 -1.60 25.85 40.15
C PRO A 330 -1.95 25.75 38.66
N THR A 331 -1.38 24.79 37.95
CA THR A 331 -1.70 24.59 36.54
C THR A 331 -2.32 23.20 36.33
N PRO A 332 -3.34 23.10 35.47
CA PRO A 332 -3.94 21.78 35.24
C PRO A 332 -2.91 20.85 34.61
N ILE A 333 -3.00 19.57 34.96
CA ILE A 333 -2.05 18.59 34.48
C ILE A 333 -2.81 17.40 33.90
N PRO A 334 -2.72 17.22 32.57
CA PRO A 334 -3.34 16.09 31.90
C PRO A 334 -2.75 14.79 32.41
N CYS A 335 -3.60 13.79 32.59
CA CYS A 335 -3.18 12.48 33.09
C CYS A 335 -4.12 11.42 32.54
N ALA A 336 -3.59 10.23 32.35
CA ALA A 336 -4.40 9.05 32.06
C ALA A 336 -3.62 7.84 32.50
N GLY A 337 -4.32 6.77 32.84
CA GLY A 337 -3.64 5.58 33.30
C GLY A 337 -4.58 4.42 33.50
N PHE A 338 -4.06 3.32 34.03
CA PHE A 338 -4.89 2.16 34.34
C PHE A 338 -4.28 1.32 35.43
N GLY A 339 -5.10 0.42 35.93
CA GLY A 339 -4.68 -0.54 36.92
C GLY A 339 -5.05 -1.91 36.40
N PHE A 340 -4.25 -2.89 36.78
CA PHE A 340 -4.32 -4.22 36.22
C PHE A 340 -4.01 -5.15 37.40
N GLY A 341 -5.05 -5.77 37.94
CA GLY A 341 -4.93 -6.57 39.15
C GLY A 341 -4.30 -7.92 38.87
N ASP A 342 -3.84 -8.59 39.93
CA ASP A 342 -3.12 -9.85 39.81
C ASP A 342 -4.00 -11.08 40.02
N CYS A 343 -5.25 -10.91 40.43
CA CYS A 343 -6.08 -12.06 40.80
C CYS A 343 -6.93 -12.57 39.63
N VAL A 344 -7.66 -11.68 38.98
CA VAL A 344 -8.55 -12.10 37.90
C VAL A 344 -7.76 -12.63 36.71
N ILE A 345 -6.71 -11.92 36.32
CA ILE A 345 -5.86 -12.38 35.22
C ILE A 345 -5.35 -13.83 35.41
N VAL A 346 -4.98 -14.17 36.64
CA VAL A 346 -4.40 -15.48 36.94
C VAL A 346 -5.46 -16.58 36.77
N GLU A 347 -6.65 -16.32 37.31
CA GLU A 347 -7.80 -17.21 37.12
C GLU A 347 -8.06 -17.48 35.64
N LEU A 348 -8.04 -16.42 34.85
CA LEU A 348 -8.27 -16.55 33.41
C LEU A 348 -7.19 -17.43 32.78
N LEU A 349 -5.94 -17.12 33.07
CA LEU A 349 -4.81 -17.90 32.57
C LEU A 349 -4.90 -19.38 32.97
N GLN A 350 -5.35 -19.64 34.19
CA GLN A 350 -5.55 -21.02 34.65
C GLN A 350 -6.62 -21.71 33.81
N GLU A 351 -7.76 -21.05 33.62
CA GLU A 351 -8.81 -21.58 32.75
C GLU A 351 -8.29 -21.92 31.35
N LYS A 352 -7.44 -21.05 30.80
CA LYS A 352 -6.91 -21.21 29.46
C LYS A 352 -5.69 -22.13 29.39
N ARG A 353 -5.29 -22.69 30.53
CA ARG A 353 -4.10 -23.56 30.63
C ARG A 353 -2.82 -22.85 30.21
N LEU A 354 -2.72 -21.56 30.55
CA LEU A 354 -1.55 -20.77 30.23
C LEU A 354 -0.67 -20.53 31.46
N LEU A 355 -0.98 -21.19 32.59
CA LEU A 355 -0.15 -21.10 33.78
C LEU A 355 0.36 -22.47 34.19
N PRO A 356 1.13 -23.14 33.31
CA PRO A 356 1.67 -24.41 33.75
C PRO A 356 2.60 -24.19 34.93
N ASP A 357 2.73 -25.20 35.78
CA ASP A 357 3.67 -25.15 36.87
C ASP A 357 5.06 -24.96 36.28
N ILE A 358 5.73 -23.88 36.69
CA ILE A 358 7.10 -23.64 36.31
C ILE A 358 7.93 -24.29 37.41
N PRO A 359 8.66 -25.37 37.10
CA PRO A 359 9.47 -25.92 38.18
C PRO A 359 10.74 -25.10 38.37
N HIS A 360 11.20 -24.97 39.61
CA HIS A 360 12.48 -24.31 39.89
C HIS A 360 13.58 -24.97 39.05
N VAL A 361 14.55 -24.17 38.63
CA VAL A 361 15.73 -24.69 37.94
C VAL A 361 17.00 -24.07 38.52
N VAL A 362 18.11 -24.70 38.19
CA VAL A 362 19.44 -24.26 38.57
C VAL A 362 20.38 -24.93 37.57
N ASP A 363 21.48 -24.27 37.23
CA ASP A 363 22.36 -24.80 36.17
C ASP A 363 23.12 -26.02 36.66
N ASP A 364 23.81 -25.89 37.79
CA ASP A 364 24.68 -26.94 38.29
C ASP A 364 24.45 -27.28 39.75
N VAL A 365 24.50 -28.56 40.08
CA VAL A 365 24.62 -29.01 41.46
C VAL A 365 25.96 -29.72 41.66
N VAL A 366 26.80 -29.10 42.48
CA VAL A 366 28.12 -29.59 42.78
C VAL A 366 28.02 -30.60 43.91
N ILE A 367 28.53 -31.80 43.66
CA ILE A 367 28.46 -32.89 44.61
C ILE A 367 29.87 -33.29 45.07
N PRO A 368 30.18 -33.09 46.36
CA PRO A 368 31.43 -33.61 46.87
C PRO A 368 31.29 -35.12 47.08
N PHE A 369 32.25 -35.89 46.58
CA PHE A 369 32.20 -37.34 46.72
C PHE A 369 32.08 -37.73 48.19
N ASP A 370 32.76 -36.98 49.06
CA ASP A 370 32.61 -37.11 50.50
C ASP A 370 33.11 -35.83 51.15
N GLU A 371 33.10 -35.75 52.49
CA GLU A 371 33.47 -34.51 53.18
C GLU A 371 34.92 -34.09 52.97
N SER A 372 35.80 -35.04 52.70
CA SER A 372 37.18 -34.71 52.39
C SER A 372 37.27 -33.90 51.08
N MET A 373 36.27 -34.03 50.21
CA MET A 373 36.22 -33.29 48.95
C MET A 373 35.49 -31.94 49.01
N ARG A 374 34.91 -31.59 50.15
CA ARG A 374 34.16 -30.34 50.28
C ARG A 374 34.97 -29.07 49.92
N PRO A 375 36.19 -28.93 50.45
CA PRO A 375 36.97 -27.74 50.10
C PRO A 375 37.23 -27.62 48.59
N HIS A 376 37.45 -28.74 47.91
CA HIS A 376 37.68 -28.73 46.47
C HIS A 376 36.38 -28.43 45.74
N ALA A 377 35.28 -29.00 46.22
CA ALA A 377 33.97 -28.72 45.64
C ALA A 377 33.59 -27.24 45.77
N LEU A 378 34.07 -26.60 46.81
CA LEU A 378 33.80 -25.18 47.02
C LEU A 378 34.56 -24.35 46.00
N ALA A 379 35.81 -24.69 45.73
CA ALA A 379 36.58 -24.02 44.70
C ALA A 379 35.89 -24.15 43.33
N VAL A 380 35.34 -25.33 43.06
CA VAL A 380 34.62 -25.58 41.81
C VAL A 380 33.32 -24.76 41.74
N LEU A 381 32.53 -24.86 42.81
CA LEU A 381 31.31 -24.05 42.98
C LEU A 381 31.60 -22.58 42.70
N ARG A 382 32.64 -22.06 43.35
CA ARG A 382 33.05 -20.67 43.14
C ARG A 382 33.26 -20.36 41.66
N ARG A 383 34.00 -21.22 40.96
CA ARG A 383 34.30 -20.99 39.55
C ARG A 383 33.01 -20.98 38.74
N LEU A 384 32.13 -21.94 39.01
CA LEU A 384 30.84 -21.98 38.33
C LEU A 384 30.05 -20.68 38.50
N ARG A 385 30.01 -20.16 39.72
CA ARG A 385 29.27 -18.92 39.99
C ARG A 385 29.97 -17.68 39.42
N ASP A 386 31.30 -17.69 39.39
CA ASP A 386 32.05 -16.58 38.76
C ASP A 386 31.68 -16.39 37.29
N ALA A 387 31.35 -17.49 36.62
CA ALA A 387 31.02 -17.45 35.19
C ALA A 387 29.54 -17.12 34.93
N GLY A 388 28.78 -16.80 35.98
CA GLY A 388 27.39 -16.42 35.82
C GLY A 388 26.41 -17.57 35.78
N ARG A 389 26.84 -18.73 36.27
CA ARG A 389 25.94 -19.87 36.35
C ARG A 389 25.26 -19.90 37.72
N SER A 390 24.09 -20.55 37.76
CA SER A 390 23.37 -20.72 39.03
C SER A 390 23.71 -22.11 39.52
N ALA A 391 24.33 -22.18 40.69
CA ALA A 391 24.88 -23.42 41.20
C ALA A 391 24.57 -23.63 42.67
N ASP A 392 24.24 -24.87 43.00
CA ASP A 392 24.22 -25.34 44.37
C ASP A 392 25.45 -26.19 44.67
N ILE A 393 25.78 -26.27 45.96
CA ILE A 393 26.62 -27.33 46.47
C ILE A 393 25.81 -28.08 47.52
N ILE A 394 25.94 -29.40 47.54
CA ILE A 394 25.23 -30.21 48.51
C ILE A 394 25.76 -29.86 49.89
N LEU A 395 24.89 -29.33 50.76
CA LEU A 395 25.32 -28.73 52.01
C LEU A 395 25.51 -29.72 53.15
N ASP A 396 24.60 -30.66 53.35
CA ASP A 396 24.74 -31.62 54.44
C ASP A 396 25.42 -32.90 53.94
N LYS A 397 25.61 -33.85 54.84
CA LYS A 397 26.34 -35.07 54.54
C LYS A 397 25.37 -36.06 53.90
N LYS A 398 25.66 -36.50 52.67
CA LYS A 398 24.85 -37.55 52.05
C LYS A 398 25.57 -38.33 50.93
N LYS A 399 25.03 -39.52 50.63
CA LYS A 399 25.62 -40.40 49.61
C LYS A 399 25.38 -39.85 48.21
N VAL A 400 26.32 -40.15 47.31
CA VAL A 400 26.34 -39.59 45.95
C VAL A 400 24.99 -39.74 45.23
N VAL A 401 24.46 -40.94 45.22
CA VAL A 401 23.17 -41.23 44.57
C VAL A 401 22.02 -40.36 45.14
N GLN A 402 22.04 -40.06 46.44
CA GLN A 402 21.04 -39.16 47.03
C GLN A 402 21.28 -37.71 46.60
N ALA A 403 22.55 -37.34 46.50
CA ALA A 403 22.90 -36.04 45.96
C ALA A 403 22.36 -35.89 44.54
N PHE A 404 22.48 -36.95 43.74
CA PHE A 404 21.95 -36.94 42.36
C PHE A 404 20.43 -36.81 42.34
N ASN A 405 19.76 -37.54 43.22
CA ASN A 405 18.31 -37.41 43.33
C ASN A 405 17.91 -35.98 43.65
N TYR A 406 18.54 -35.41 44.67
CA TYR A 406 18.33 -34.01 45.03
C TYR A 406 18.51 -33.09 43.84
N ALA A 407 19.58 -33.31 43.07
CA ALA A 407 19.86 -32.49 41.91
C ALA A 407 18.70 -32.50 40.91
N ASP A 408 18.10 -33.67 40.73
CA ASP A 408 16.92 -33.80 39.87
C ASP A 408 15.72 -33.07 40.47
N ARG A 409 15.51 -33.24 41.77
CA ARG A 409 14.41 -32.58 42.49
C ARG A 409 14.41 -31.07 42.30
N VAL A 410 15.58 -30.44 42.41
CA VAL A 410 15.70 -28.98 42.24
C VAL A 410 15.83 -28.56 40.76
N GLY A 411 15.64 -29.47 39.82
CA GLY A 411 15.68 -29.11 38.40
C GLY A 411 17.05 -28.68 37.90
N ALA A 412 18.10 -29.30 38.43
CA ALA A 412 19.45 -29.04 37.95
C ALA A 412 19.61 -29.49 36.51
N VAL A 413 20.18 -28.64 35.69
CA VAL A 413 20.49 -29.00 34.31
C VAL A 413 21.65 -29.98 34.31
N ARG A 414 22.50 -29.90 35.34
CA ARG A 414 23.77 -30.58 35.32
C ARG A 414 24.26 -30.92 36.74
N ALA A 415 24.77 -32.14 36.91
CA ALA A 415 25.39 -32.56 38.17
C ALA A 415 26.91 -32.65 38.01
N VAL A 416 27.63 -32.01 38.92
CA VAL A 416 29.08 -31.95 38.88
C VAL A 416 29.67 -32.66 40.10
N LEU A 417 30.05 -33.91 39.90
CA LEU A 417 30.62 -34.73 40.97
C LEU A 417 32.12 -34.43 41.12
N VAL A 418 32.52 -34.10 42.35
CA VAL A 418 33.91 -33.82 42.67
C VAL A 418 34.48 -35.00 43.46
N ALA A 419 35.16 -35.90 42.75
CA ALA A 419 35.72 -37.11 43.34
C ALA A 419 37.24 -37.05 43.42
N PRO A 420 37.84 -37.75 44.41
CA PRO A 420 39.29 -37.71 44.58
C PRO A 420 40.10 -38.19 43.36
N GLU A 421 39.58 -39.17 42.62
CA GLU A 421 40.29 -39.71 41.45
C GLU A 421 40.48 -38.67 40.36
N GLU A 422 39.37 -38.08 39.93
CA GLU A 422 39.37 -37.08 38.86
C GLU A 422 40.15 -35.83 39.26
N TRP A 423 40.02 -35.44 40.53
CA TRP A 423 40.64 -34.22 41.05
C TRP A 423 42.16 -34.21 40.90
N GLU A 424 42.79 -35.36 41.12
CA GLU A 424 44.24 -35.48 40.92
C GLU A 424 44.65 -35.29 39.45
N ARG A 425 43.73 -35.56 38.53
CA ARG A 425 43.94 -35.29 37.11
C ARG A 425 43.58 -33.86 36.70
N GLY A 426 43.16 -33.05 37.67
CA GLY A 426 42.64 -31.71 37.40
C GLY A 426 41.28 -31.74 36.72
N GLU A 427 40.44 -32.70 37.12
CA GLU A 427 39.13 -32.88 36.49
C GLU A 427 37.99 -33.13 37.50
N VAL A 428 36.77 -33.08 36.99
CA VAL A 428 35.56 -33.50 37.71
C VAL A 428 34.67 -34.32 36.78
N GLN A 429 33.70 -35.03 37.37
CA GLN A 429 32.72 -35.77 36.59
C GLN A 429 31.47 -34.93 36.40
N VAL A 430 31.10 -34.72 35.13
CA VAL A 430 29.92 -33.96 34.77
C VAL A 430 28.86 -34.88 34.18
N LYS A 431 27.62 -34.71 34.63
CA LYS A 431 26.51 -35.52 34.16
C LYS A 431 25.32 -34.62 33.81
N MET A 432 24.77 -34.79 32.61
CA MET A 432 23.64 -34.00 32.14
C MET A 432 22.33 -34.67 32.56
N LEU A 433 21.29 -33.88 32.75
CA LEU A 433 20.02 -34.38 33.28
C LEU A 433 18.88 -33.87 32.42
N ARG A 446 26.42 -42.27 30.82
CA ARG A 446 26.19 -40.97 31.45
C ARG A 446 27.25 -40.68 32.51
N GLY A 447 27.80 -39.46 32.48
CA GLY A 447 28.80 -39.01 33.46
C GLY A 447 30.23 -39.03 32.91
N PHE A 448 30.72 -37.87 32.47
CA PHE A 448 32.02 -37.76 31.78
C PHE A 448 32.97 -36.85 32.54
N ALA A 449 34.27 -37.08 32.37
CA ALA A 449 35.30 -36.29 33.05
C ALA A 449 35.65 -35.04 32.25
N VAL A 450 35.88 -33.92 32.97
CA VAL A 450 36.09 -32.61 32.33
C VAL A 450 37.15 -31.80 33.09
N PRO A 451 38.02 -31.06 32.36
CA PRO A 451 38.94 -30.15 33.07
C PRO A 451 38.24 -28.91 33.64
N LEU A 452 38.77 -28.38 34.73
CA LEU A 452 38.11 -27.30 35.48
C LEU A 452 37.93 -26.04 34.66
N ASP A 453 38.95 -25.65 33.92
CA ASP A 453 38.86 -24.47 33.07
C ASP A 453 37.82 -24.62 31.95
N ARG A 454 37.54 -25.87 31.55
CA ARG A 454 36.53 -26.15 30.52
C ARG A 454 35.09 -26.24 31.03
N LEU A 455 34.89 -26.16 32.35
CA LEU A 455 33.55 -26.30 32.94
C LEU A 455 32.59 -25.18 32.60
N VAL A 456 33.13 -24.00 32.29
CA VAL A 456 32.30 -22.80 32.13
C VAL A 456 32.35 -22.26 30.70
N MET B 26 4.96 -16.29 -5.95
CA MET B 26 5.15 -15.88 -7.37
C MET B 26 4.61 -14.47 -7.62
N VAL B 27 5.40 -13.63 -8.29
CA VAL B 27 4.93 -12.31 -8.72
C VAL B 27 3.88 -12.44 -9.81
N GLU B 28 3.23 -11.33 -10.14
CA GLU B 28 2.25 -11.32 -11.22
C GLU B 28 3.01 -11.28 -12.54
N THR B 29 2.89 -12.35 -13.33
CA THR B 29 3.57 -12.43 -14.63
C THR B 29 2.83 -11.65 -15.70
N GLU B 30 1.54 -11.41 -15.49
CA GLU B 30 0.76 -10.64 -16.45
C GLU B 30 1.09 -9.16 -16.33
N PRO B 31 1.01 -8.42 -17.45
CA PRO B 31 1.26 -6.99 -17.39
C PRO B 31 0.10 -6.22 -16.77
N VAL B 32 0.36 -4.98 -16.43
CA VAL B 32 -0.65 -4.05 -15.95
C VAL B 32 -1.85 -4.03 -16.92
N GLN B 33 -3.03 -3.90 -16.33
CA GLN B 33 -4.31 -3.98 -17.04
C GLN B 33 -4.33 -3.18 -18.33
N GLY B 34 -4.70 -3.83 -19.42
CA GLY B 34 -4.81 -3.19 -20.73
C GLY B 34 -3.51 -2.91 -21.48
N CYS B 35 -2.38 -3.40 -20.96
CA CYS B 35 -1.08 -3.16 -21.61
C CYS B 35 -0.49 -4.45 -22.15
N ARG B 36 0.34 -4.34 -23.18
CA ARG B 36 0.88 -5.51 -23.86
C ARG B 36 2.37 -5.71 -23.60
N ASP B 37 2.76 -6.97 -23.48
CA ASP B 37 4.15 -7.38 -23.52
C ASP B 37 4.57 -7.66 -24.95
N PHE B 38 5.86 -7.46 -25.24
CA PHE B 38 6.42 -7.83 -26.54
C PHE B 38 7.67 -8.67 -26.35
N PRO B 39 7.49 -9.96 -26.07
CA PRO B 39 8.63 -10.87 -26.11
C PRO B 39 9.10 -10.99 -27.55
N PRO B 40 10.27 -11.59 -27.78
CA PRO B 40 10.90 -11.51 -29.11
C PRO B 40 9.96 -11.81 -30.28
N GLU B 41 9.16 -12.86 -30.13
CA GLU B 41 8.22 -13.27 -31.17
C GLU B 41 7.24 -12.14 -31.50
N ALA B 42 6.60 -11.58 -30.48
CA ALA B 42 5.67 -10.49 -30.69
C ALA B 42 6.41 -9.24 -31.16
N MET B 43 7.55 -8.95 -30.54
CA MET B 43 8.38 -7.80 -30.96
C MET B 43 8.80 -7.88 -32.44
N ARG B 44 9.06 -9.06 -32.98
CA ARG B 44 9.44 -9.16 -34.40
C ARG B 44 8.29 -8.68 -35.30
N CYS B 45 7.06 -8.95 -34.89
CA CYS B 45 5.89 -8.48 -35.62
C CYS B 45 5.76 -6.95 -35.58
N ARG B 46 5.87 -6.40 -34.38
CA ARG B 46 5.86 -4.95 -34.18
C ARG B 46 6.99 -4.27 -34.97
N ARG B 47 8.16 -4.90 -34.96
CA ARG B 47 9.31 -4.38 -35.72
C ARG B 47 9.07 -4.38 -37.24
N HIS B 48 8.42 -5.42 -37.72
CA HIS B 48 8.07 -5.51 -39.13
C HIS B 48 7.16 -4.33 -39.52
N LEU B 49 6.26 -3.94 -38.62
CA LEU B 49 5.36 -2.84 -38.87
C LEU B 49 6.11 -1.51 -38.80
N PHE B 50 6.85 -1.32 -37.73
CA PHE B 50 7.57 -0.07 -37.53
C PHE B 50 8.60 0.14 -38.66
N ASP B 51 9.27 -0.92 -39.10
CA ASP B 51 10.17 -0.79 -40.26
C ASP B 51 9.44 -0.13 -41.43
N VAL B 52 8.24 -0.61 -41.74
CA VAL B 52 7.47 -0.03 -42.82
C VAL B 52 7.18 1.45 -42.56
N PHE B 53 6.75 1.79 -41.35
CA PHE B 53 6.49 3.17 -41.00
C PHE B 53 7.73 4.05 -41.23
N HIS B 54 8.86 3.62 -40.69
CA HIS B 54 10.13 4.32 -40.87
C HIS B 54 10.54 4.41 -42.34
N ALA B 55 10.45 3.30 -43.05
CA ALA B 55 10.89 3.27 -44.45
C ALA B 55 10.00 4.20 -45.27
N THR B 56 8.70 4.20 -44.97
CA THR B 56 7.77 5.03 -45.73
C THR B 56 8.02 6.50 -45.43
N ALA B 57 8.27 6.83 -44.17
CA ALA B 57 8.59 8.20 -43.82
C ALA B 57 9.86 8.65 -44.53
N LYS B 58 10.89 7.80 -44.54
CA LYS B 58 12.12 8.13 -45.25
C LYS B 58 11.87 8.31 -46.75
N THR B 59 11.19 7.36 -47.36
CA THR B 59 10.80 7.47 -48.76
C THR B 59 10.11 8.81 -49.05
N PHE B 60 9.32 9.31 -48.10
CA PHE B 60 8.55 10.52 -48.34
C PHE B 60 9.25 11.80 -47.85
N GLY B 61 10.45 11.65 -47.31
CA GLY B 61 11.24 12.78 -46.84
C GLY B 61 10.79 13.37 -45.52
N PHE B 62 10.18 12.58 -44.66
CA PHE B 62 9.77 13.07 -43.33
C PHE B 62 10.92 12.88 -42.34
N GLU B 63 11.00 13.77 -41.35
CA GLU B 63 12.07 13.73 -40.34
C GLU B 63 11.53 13.24 -39.04
N GLU B 64 12.29 12.40 -38.35
CA GLU B 64 11.83 11.86 -37.09
C GLU B 64 11.90 12.89 -35.94
N TYR B 65 10.93 12.81 -35.04
CA TYR B 65 10.97 13.60 -33.82
C TYR B 65 10.39 12.80 -32.68
N ASP B 66 10.58 13.29 -31.46
CA ASP B 66 9.96 12.69 -30.28
C ASP B 66 9.75 13.76 -29.22
N ALA B 67 8.89 13.44 -28.27
CA ALA B 67 8.64 14.29 -27.10
C ALA B 67 8.17 13.39 -25.97
N PRO B 68 8.09 13.93 -24.74
CA PRO B 68 7.83 13.06 -23.60
C PRO B 68 6.41 12.51 -23.60
N VAL B 69 6.25 11.28 -23.13
CA VAL B 69 4.95 10.63 -23.01
C VAL B 69 4.12 11.29 -21.91
N LEU B 70 4.81 11.94 -20.99
CA LEU B 70 4.20 12.71 -19.93
C LEU B 70 4.12 14.17 -20.40
N GLU B 71 2.90 14.66 -20.58
CA GLU B 71 2.70 16.07 -20.90
C GLU B 71 1.78 16.68 -19.86
N SER B 72 1.75 18.01 -19.85
CA SER B 72 0.82 18.76 -19.01
C SER B 72 -0.62 18.57 -19.49
N GLU B 73 -1.55 18.43 -18.56
CA GLU B 73 -2.97 18.21 -18.88
C GLU B 73 -3.59 19.42 -19.60
N GLU B 74 -3.04 20.61 -19.38
CA GLU B 74 -3.43 21.85 -20.07
C GLU B 74 -3.55 21.63 -21.57
N LEU B 75 -2.56 20.91 -22.11
CA LEU B 75 -2.44 20.67 -23.52
C LEU B 75 -3.70 20.07 -24.15
N TYR B 76 -4.42 19.22 -23.39
CA TYR B 76 -5.54 18.43 -23.95
C TYR B 76 -6.97 18.90 -23.59
N ILE B 77 -7.12 20.09 -23.02
CA ILE B 77 -8.45 20.56 -22.61
C ILE B 77 -9.10 21.39 -23.71
N ARG B 78 -9.70 20.71 -24.69
CA ARG B 78 -10.33 21.38 -25.83
C ARG B 78 -11.84 21.62 -25.68
N LYS B 79 -12.47 20.92 -24.74
CA LYS B 79 -13.87 21.20 -24.35
C LYS B 79 -14.90 20.99 -25.47
N ALA B 80 -14.68 19.98 -26.33
CA ALA B 80 -15.62 19.64 -27.40
C ALA B 80 -16.31 18.30 -27.15
N GLY B 81 -15.98 17.64 -26.03
CA GLY B 81 -16.54 16.33 -25.71
C GLY B 81 -15.95 15.23 -26.57
N GLU B 82 -14.66 15.38 -26.92
CA GLU B 82 -13.96 14.39 -27.74
C GLU B 82 -13.74 13.12 -26.93
N GLU B 83 -13.94 11.98 -27.57
CA GLU B 83 -13.71 10.70 -26.93
C GLU B 83 -12.25 10.59 -26.47
N ILE B 84 -11.34 11.13 -27.27
CA ILE B 84 -9.90 11.11 -26.97
C ILE B 84 -9.58 11.79 -25.63
N THR B 85 -10.24 12.92 -25.35
CA THR B 85 -9.97 13.68 -24.11
C THR B 85 -10.79 13.14 -22.93
N GLU B 86 -11.97 12.60 -23.21
CA GLU B 86 -12.78 11.93 -22.18
C GLU B 86 -12.08 10.73 -21.55
N GLN B 87 -11.28 10.03 -22.35
CA GLN B 87 -10.63 8.80 -21.89
C GLN B 87 -9.16 9.02 -21.57
N MET B 88 -8.84 10.18 -21.01
CA MET B 88 -7.46 10.60 -20.77
C MET B 88 -6.91 9.94 -19.50
N PHE B 89 -5.68 9.42 -19.61
CA PHE B 89 -4.98 8.76 -18.52
C PHE B 89 -4.18 9.83 -17.80
N ASN B 90 -4.85 10.58 -16.93
CA ASN B 90 -4.25 11.73 -16.25
C ASN B 90 -4.10 11.52 -14.75
N PHE B 91 -3.19 12.27 -14.14
CA PHE B 91 -2.99 12.21 -12.70
C PHE B 91 -2.27 13.43 -12.16
N ILE B 92 -2.21 13.53 -10.83
CA ILE B 92 -1.59 14.65 -10.14
C ILE B 92 -0.23 14.23 -9.58
N THR B 93 0.79 15.05 -9.80
CA THR B 93 2.15 14.76 -9.31
C THR B 93 2.25 15.08 -7.81
N HIS B 97 1.10 19.25 -9.76
CA HIS B 97 0.91 19.58 -11.19
C HIS B 97 0.04 18.57 -11.91
N ARG B 98 -0.90 19.08 -12.70
CA ARG B 98 -1.81 18.24 -13.48
C ARG B 98 -1.09 17.77 -14.75
N VAL B 99 -0.80 16.47 -14.83
CA VAL B 99 -0.15 15.86 -16.00
C VAL B 99 -0.95 14.68 -16.52
N ALA B 100 -0.59 14.21 -17.70
CA ALA B 100 -1.24 13.07 -18.31
C ALA B 100 -0.30 12.35 -19.25
N LEU B 101 -0.44 11.02 -19.30
CA LEU B 101 0.18 10.24 -20.34
C LEU B 101 -0.59 10.60 -21.60
N ARG B 102 0.14 11.06 -22.62
CA ARG B 102 -0.46 11.57 -23.83
C ARG B 102 -1.50 10.58 -24.37
N PRO B 103 -2.67 11.07 -24.79
CA PRO B 103 -3.63 10.26 -25.55
C PRO B 103 -3.43 10.35 -27.06
N GLU B 104 -2.68 11.35 -27.51
CA GLU B 104 -2.36 11.52 -28.92
C GLU B 104 -1.12 12.38 -28.98
N MET B 105 -0.54 12.51 -30.18
CA MET B 105 0.72 13.21 -30.33
C MET B 105 0.57 14.66 -30.82
N THR B 106 -0.48 14.94 -31.58
CA THR B 106 -0.59 16.22 -32.27
C THR B 106 -0.37 17.44 -31.36
N PRO B 107 -0.95 17.45 -30.14
CA PRO B 107 -0.69 18.56 -29.23
C PRO B 107 0.79 18.73 -28.85
N SER B 108 1.48 17.63 -28.57
CA SER B 108 2.92 17.68 -28.37
C SER B 108 3.65 18.30 -29.59
N LEU B 109 3.26 17.88 -30.79
CA LEU B 109 3.85 18.45 -32.02
C LEU B 109 3.65 19.96 -32.05
N ALA B 110 2.40 20.38 -31.86
CA ALA B 110 2.08 21.80 -31.84
C ALA B 110 2.97 22.57 -30.85
N ARG B 111 3.17 22.00 -29.65
CA ARG B 111 4.03 22.62 -28.63
C ARG B 111 5.46 22.80 -29.14
N LEU B 112 6.00 21.76 -29.75
CA LEU B 112 7.36 21.81 -30.30
C LEU B 112 7.49 22.88 -31.38
N LEU B 113 6.51 22.92 -32.29
CA LEU B 113 6.52 23.91 -33.39
C LEU B 113 6.39 25.33 -32.83
N LEU B 114 5.47 25.50 -31.89
CA LEU B 114 5.24 26.77 -31.25
C LEU B 114 6.52 27.24 -30.54
N GLY B 115 7.19 26.31 -29.86
CA GLY B 115 8.45 26.62 -29.21
C GLY B 115 9.53 27.10 -30.17
N LYS B 116 9.60 26.51 -31.36
CA LYS B 116 10.62 26.90 -32.34
C LYS B 116 10.38 28.28 -32.95
N GLY B 117 9.13 28.69 -33.09
CA GLY B 117 8.81 30.03 -33.60
C GLY B 117 9.26 30.21 -35.04
N ARG B 118 9.84 31.37 -35.34
CA ARG B 118 10.33 31.66 -36.71
C ARG B 118 11.60 30.91 -37.06
N SER B 119 12.27 30.34 -36.06
CA SER B 119 13.49 29.58 -36.30
C SER B 119 13.24 28.31 -37.13
N LEU B 120 11.99 27.83 -37.19
CA LEU B 120 11.66 26.62 -37.95
C LEU B 120 11.54 26.86 -39.45
N LEU B 121 12.37 26.21 -40.25
CA LEU B 121 12.21 26.24 -41.69
C LEU B 121 10.91 25.55 -42.07
N LEU B 122 10.12 26.23 -42.89
CA LEU B 122 8.89 25.70 -43.43
C LEU B 122 9.01 25.64 -44.94
N PRO B 123 8.44 24.61 -45.58
CA PRO B 123 7.63 23.59 -44.93
C PRO B 123 8.43 22.57 -44.12
N ALA B 124 7.81 22.05 -43.06
CA ALA B 124 8.37 20.95 -42.29
C ALA B 124 7.49 19.68 -42.37
N LYS B 125 8.13 18.53 -42.44
CA LYS B 125 7.45 17.23 -42.49
C LYS B 125 8.01 16.38 -41.38
N TRP B 126 7.27 16.23 -40.30
CA TRP B 126 7.76 15.56 -39.10
C TRP B 126 6.96 14.29 -38.81
N TYR B 127 7.63 13.24 -38.33
CA TYR B 127 6.96 11.98 -38.04
C TYR B 127 7.47 11.37 -36.75
N SER B 128 6.66 10.51 -36.18
CA SER B 128 7.02 9.83 -34.93
CA SER B 128 7.04 9.81 -34.95
C SER B 128 6.16 8.59 -34.76
N ILE B 129 6.61 7.66 -33.92
CA ILE B 129 5.82 6.49 -33.59
C ILE B 129 5.58 6.42 -32.05
N PRO B 130 4.95 7.46 -31.48
CA PRO B 130 4.68 7.45 -30.02
C PRO B 130 3.74 6.36 -29.56
N GLN B 131 4.06 5.73 -28.43
CA GLN B 131 3.02 5.06 -27.66
C GLN B 131 2.11 6.15 -27.09
N CYS B 132 0.80 5.94 -27.18
CA CYS B 132 -0.19 6.85 -26.61
C CYS B 132 -1.12 6.06 -25.68
N TRP B 133 -1.74 6.76 -24.73
CA TRP B 133 -2.39 6.16 -23.57
C TRP B 133 -3.83 6.59 -23.33
N ARG B 134 -4.60 5.71 -22.67
CA ARG B 134 -5.99 6.00 -22.25
C ARG B 134 -6.40 5.13 -21.07
N TYR B 135 -7.33 5.62 -20.24
CA TYR B 135 -7.85 4.85 -19.07
C TYR B 135 -9.17 4.14 -19.36
N ARG B 143 -7.82 -2.33 -24.14
CA ARG B 143 -6.47 -1.80 -24.34
C ARG B 143 -6.34 -0.35 -23.88
N ARG B 144 -5.35 -0.08 -23.04
CA ARG B 144 -5.10 1.27 -22.54
C ARG B 144 -3.86 1.91 -23.17
N GLU B 145 -3.28 1.24 -24.16
CA GLU B 145 -2.14 1.79 -24.87
C GLU B 145 -2.06 1.25 -26.26
N HIS B 146 -1.55 2.09 -27.14
CA HIS B 146 -1.23 1.68 -28.48
C HIS B 146 -0.12 2.56 -29.02
N TYR B 147 0.54 2.08 -30.07
CA TYR B 147 1.52 2.84 -30.80
C TYR B 147 0.82 3.44 -31.99
N GLN B 148 1.19 4.66 -32.32
CA GLN B 148 0.54 5.39 -33.36
C GLN B 148 1.56 6.16 -34.19
N TRP B 149 1.75 5.68 -35.42
CA TRP B 149 2.57 6.40 -36.37
C TRP B 149 1.88 7.71 -36.65
N ASN B 150 2.58 8.81 -36.43
CA ASN B 150 2.10 10.12 -36.78
C ASN B 150 2.91 10.70 -37.91
N MET B 151 2.23 11.30 -38.88
CA MET B 151 2.90 12.03 -39.92
C MET B 151 2.21 13.38 -40.05
N ASP B 152 2.98 14.46 -40.08
CA ASP B 152 2.41 15.77 -40.22
C ASP B 152 3.20 16.67 -41.14
N ILE B 153 2.49 17.48 -41.92
CA ILE B 153 3.10 18.49 -42.76
C ILE B 153 2.70 19.88 -42.27
N VAL B 154 3.70 20.73 -42.06
CA VAL B 154 3.52 22.03 -41.46
C VAL B 154 3.95 23.10 -42.46
N GLY B 155 3.09 24.10 -42.67
CA GLY B 155 3.45 25.26 -43.50
C GLY B 155 3.01 25.18 -44.96
N VAL B 156 2.11 24.24 -45.26
CA VAL B 156 1.60 24.07 -46.61
C VAL B 156 0.10 24.35 -46.62
N LYS B 157 -0.28 25.48 -47.19
CA LYS B 157 -1.68 25.86 -47.34
C LYS B 157 -2.48 24.94 -48.24
N SER B 158 -1.82 24.41 -49.28
CA SER B 158 -2.56 23.73 -50.35
C SER B 158 -2.77 22.23 -50.09
N VAL B 159 -3.75 21.67 -50.78
CA VAL B 159 -4.10 20.26 -50.60
C VAL B 159 -3.03 19.25 -51.02
N SER B 160 -1.95 19.71 -51.65
CA SER B 160 -0.77 18.86 -51.87
C SER B 160 -0.27 18.20 -50.58
N ALA B 161 -0.51 18.85 -49.43
CA ALA B 161 -0.20 18.23 -48.14
C ALA B 161 -1.04 16.98 -47.93
N GLU B 162 -2.35 17.14 -47.99
CA GLU B 162 -3.26 16.02 -47.76
C GLU B 162 -2.99 14.93 -48.80
N VAL B 163 -2.75 15.32 -50.04
CA VAL B 163 -2.39 14.35 -51.08
C VAL B 163 -1.22 13.46 -50.65
N GLU B 164 -0.10 14.10 -50.32
CA GLU B 164 1.09 13.36 -49.87
C GLU B 164 0.86 12.46 -48.64
N LEU B 165 0.14 12.99 -47.65
CA LEU B 165 -0.15 12.24 -46.44
C LEU B 165 -0.96 10.99 -46.74
N VAL B 166 -2.01 11.16 -47.55
CA VAL B 166 -2.85 10.06 -47.94
C VAL B 166 -2.04 9.04 -48.73
N CYS B 167 -1.23 9.50 -49.70
CA CYS B 167 -0.39 8.57 -50.44
C CYS B 167 0.58 7.84 -49.51
N ALA B 168 1.12 8.55 -48.51
CA ALA B 168 2.02 7.90 -47.54
C ALA B 168 1.33 6.77 -46.78
N ALA B 169 0.08 7.00 -46.39
CA ALA B 169 -0.66 5.98 -45.68
C ALA B 169 -0.91 4.76 -46.56
N CYS B 170 -1.33 5.00 -47.79
CA CYS B 170 -1.51 3.91 -48.77
C CYS B 170 -0.21 3.18 -49.01
N TRP B 171 0.85 3.95 -49.18
CA TRP B 171 2.19 3.40 -49.41
C TRP B 171 2.62 2.41 -48.32
N ALA B 172 2.33 2.77 -47.07
CA ALA B 172 2.67 1.92 -45.95
C ALA B 172 1.85 0.63 -46.00
N MET B 173 0.55 0.76 -46.30
CA MET B 173 -0.31 -0.41 -46.39
C MET B 173 0.11 -1.30 -47.54
N ARG B 174 0.43 -0.72 -48.69
CA ARG B 174 0.91 -1.54 -49.82
C ARG B 174 2.22 -2.25 -49.49
N SER B 175 3.10 -1.57 -48.77
CA SER B 175 4.37 -2.14 -48.35
C SER B 175 4.20 -3.35 -47.44
N LEU B 176 3.13 -3.34 -46.65
CA LEU B 176 2.78 -4.48 -45.79
C LEU B 176 2.09 -5.65 -46.53
N GLY B 177 1.88 -5.49 -47.84
CA GLY B 177 1.30 -6.54 -48.68
C GLY B 177 -0.17 -6.36 -48.99
N LEU B 178 -0.78 -5.27 -48.51
CA LEU B 178 -2.18 -4.99 -48.79
C LEU B 178 -2.33 -4.38 -50.19
N SER B 179 -3.49 -4.60 -50.80
CA SER B 179 -3.81 -4.00 -52.11
C SER B 179 -5.02 -3.08 -52.01
N SER B 180 -5.31 -2.41 -53.11
CA SER B 180 -6.48 -1.53 -53.20
C SER B 180 -7.78 -2.34 -53.17
N LYS B 181 -7.69 -3.65 -53.39
CA LYS B 181 -8.82 -4.55 -53.16
C LYS B 181 -9.05 -4.78 -51.67
N ASP B 182 -7.98 -4.77 -50.87
CA ASP B 182 -8.10 -5.02 -49.44
C ASP B 182 -8.55 -3.78 -48.67
N VAL B 183 -7.99 -2.62 -49.00
CA VAL B 183 -8.24 -1.39 -48.26
C VAL B 183 -8.43 -0.18 -49.17
N GLY B 184 -8.90 0.91 -48.57
CA GLY B 184 -8.92 2.22 -49.21
C GLY B 184 -8.91 3.35 -48.18
N ILE B 185 -8.91 4.59 -48.66
CA ILE B 185 -9.03 5.78 -47.80
C ILE B 185 -10.26 6.60 -48.21
N LYS B 186 -11.20 6.78 -47.28
CA LYS B 186 -12.36 7.64 -47.48
C LYS B 186 -11.94 9.07 -47.25
N VAL B 187 -12.40 9.99 -48.11
CA VAL B 187 -11.97 11.40 -48.02
C VAL B 187 -13.16 12.36 -48.07
N ASN B 188 -13.09 13.43 -47.29
CA ASN B 188 -14.14 14.45 -47.26
C ASN B 188 -13.50 15.78 -46.87
N SER B 189 -14.25 16.88 -47.00
CA SER B 189 -13.88 18.16 -46.38
C SER B 189 -14.93 18.61 -45.39
N ARG B 190 -14.48 19.02 -44.20
CA ARG B 190 -15.35 19.59 -43.17
C ARG B 190 -15.95 20.96 -43.54
N LYS B 191 -15.41 21.60 -44.57
CA LYS B 191 -15.91 22.91 -44.99
C LYS B 191 -17.35 22.91 -45.52
N VAL B 192 -17.79 21.77 -46.06
CA VAL B 192 -19.15 21.65 -46.54
C VAL B 192 -20.12 21.78 -45.36
N LEU B 193 -19.91 20.94 -44.36
CA LEU B 193 -20.71 21.00 -43.14
C LEU B 193 -20.60 22.35 -42.44
N GLN B 194 -19.42 22.96 -42.49
CA GLN B 194 -19.20 24.29 -41.91
C GLN B 194 -20.19 25.29 -42.50
N THR B 195 -20.21 25.36 -43.83
CA THR B 195 -21.11 26.23 -44.55
C THR B 195 -22.56 26.00 -44.18
N VAL B 196 -22.97 24.74 -44.10
CA VAL B 196 -24.35 24.38 -43.78
C VAL B 196 -24.72 24.80 -42.35
N VAL B 197 -23.82 24.55 -41.41
CA VAL B 197 -24.01 24.94 -40.02
C VAL B 197 -24.07 26.45 -39.87
N GLU B 198 -23.18 27.16 -40.57
CA GLU B 198 -23.16 28.61 -40.50
C GLU B 198 -24.42 29.23 -41.13
N GLN B 199 -24.88 28.65 -42.24
CA GLN B 199 -26.10 29.13 -42.92
C GLN B 199 -27.37 28.95 -42.10
N ALA B 200 -27.33 28.08 -41.09
CA ALA B 200 -28.45 27.91 -40.16
C ALA B 200 -28.38 28.86 -38.95
N GLY B 201 -27.45 29.81 -38.98
CA GLY B 201 -27.33 30.81 -37.91
C GLY B 201 -26.68 30.26 -36.65
N VAL B 202 -25.94 29.18 -36.78
CA VAL B 202 -25.31 28.52 -35.64
C VAL B 202 -23.99 29.22 -35.32
N THR B 203 -23.73 29.42 -34.04
CA THR B 203 -22.47 30.03 -33.60
C THR B 203 -21.31 29.11 -33.95
N SER B 204 -20.24 29.68 -34.50
CA SER B 204 -19.10 28.89 -34.97
C SER B 204 -18.48 28.01 -33.87
N ASP B 205 -18.61 28.43 -32.61
CA ASP B 205 -18.13 27.65 -31.47
C ASP B 205 -18.83 26.29 -31.28
N LYS B 206 -20.00 26.11 -31.90
CA LYS B 206 -20.69 24.82 -31.90
C LYS B 206 -20.23 23.86 -33.01
N PHE B 207 -19.56 24.39 -34.04
CA PHE B 207 -19.13 23.57 -35.19
C PHE B 207 -18.30 22.36 -34.77
N ALA B 208 -17.28 22.60 -33.95
CA ALA B 208 -16.44 21.52 -33.45
C ALA B 208 -17.24 20.44 -32.72
N PRO B 209 -18.04 20.82 -31.70
CA PRO B 209 -18.92 19.83 -31.04
C PRO B 209 -19.83 19.08 -32.01
N VAL B 210 -20.37 19.79 -32.99
CA VAL B 210 -21.21 19.17 -34.03
C VAL B 210 -20.41 18.05 -34.73
N CYS B 211 -19.23 18.37 -35.22
CA CYS B 211 -18.39 17.35 -35.85
C CYS B 211 -18.17 16.14 -34.93
N VAL B 212 -17.85 16.41 -33.66
CA VAL B 212 -17.63 15.34 -32.66
C VAL B 212 -18.87 14.45 -32.54
N ILE B 213 -20.04 15.07 -32.60
CA ILE B 213 -21.31 14.34 -32.53
C ILE B 213 -21.61 13.58 -33.82
N VAL B 214 -21.47 14.25 -34.96
CA VAL B 214 -21.77 13.65 -36.26
C VAL B 214 -20.82 12.49 -36.58
N ASP B 215 -19.60 12.57 -36.06
CA ASP B 215 -18.65 11.46 -36.13
C ASP B 215 -19.25 10.16 -35.58
N LYS B 216 -20.02 10.27 -34.49
CA LYS B 216 -20.61 9.12 -33.83
C LYS B 216 -21.66 8.35 -34.68
N MET B 217 -22.27 9.04 -35.65
CA MET B 217 -23.33 8.44 -36.48
C MET B 217 -22.81 7.29 -37.34
N ILE B 220 -23.48 4.79 -33.47
CA ILE B 220 -24.72 4.82 -32.69
C ILE B 220 -25.91 5.15 -33.61
N PRO B 221 -27.16 4.94 -33.13
CA PRO B 221 -28.33 5.17 -33.99
C PRO B 221 -28.50 6.63 -34.36
N ARG B 222 -29.18 6.88 -35.49
CA ARG B 222 -29.45 8.24 -35.94
C ARG B 222 -30.22 9.03 -34.87
N GLU B 223 -31.22 8.37 -34.27
CA GLU B 223 -32.00 8.97 -33.18
C GLU B 223 -31.12 9.41 -32.01
N GLU B 224 -30.10 8.63 -31.70
CA GLU B 224 -29.15 8.96 -30.64
C GLU B 224 -28.31 10.19 -30.97
N VAL B 225 -27.81 10.27 -32.21
CA VAL B 225 -27.02 11.42 -32.66
C VAL B 225 -27.88 12.68 -32.80
N GLU B 226 -29.09 12.51 -33.32
CA GLU B 226 -30.09 13.58 -33.39
C GLU B 226 -30.38 14.20 -32.02
N ALA B 227 -30.50 13.35 -31.01
CA ALA B 227 -30.76 13.81 -29.65
C ALA B 227 -29.60 14.63 -29.08
N GLN B 228 -28.38 14.19 -29.34
CA GLN B 228 -27.17 14.87 -28.84
C GLN B 228 -26.98 16.26 -29.45
N LEU B 229 -27.39 16.43 -30.72
CA LEU B 229 -27.31 17.73 -31.39
C LEU B 229 -28.30 18.74 -30.80
N ALA B 230 -29.48 18.25 -30.43
CA ALA B 230 -30.50 19.07 -29.77
C ALA B 230 -29.98 19.67 -28.47
N VAL B 231 -29.23 18.87 -27.70
CA VAL B 231 -28.66 19.34 -26.42
C VAL B 231 -27.65 20.47 -26.62
N LEU B 232 -26.89 20.41 -27.72
CA LEU B 232 -25.99 21.50 -28.09
C LEU B 232 -26.79 22.76 -28.44
N GLY B 233 -28.00 22.56 -28.95
CA GLY B 233 -28.97 23.63 -29.16
C GLY B 233 -29.34 23.82 -30.62
N LEU B 234 -29.60 22.71 -31.31
CA LEU B 234 -29.85 22.73 -32.75
C LEU B 234 -31.29 22.32 -33.02
N GLU B 235 -32.05 23.19 -33.66
CA GLU B 235 -33.45 22.91 -34.00
C GLU B 235 -33.49 21.83 -35.08
N PRO B 236 -34.61 21.07 -35.17
CA PRO B 236 -34.69 19.93 -36.10
C PRO B 236 -34.38 20.24 -37.57
N THR B 237 -34.66 21.47 -38.01
CA THR B 237 -34.38 21.88 -39.39
C THR B 237 -32.88 21.89 -39.70
N VAL B 238 -32.09 22.31 -38.72
CA VAL B 238 -30.62 22.34 -38.83
C VAL B 238 -30.08 20.91 -38.89
N VAL B 239 -30.66 20.04 -38.05
CA VAL B 239 -30.27 18.63 -37.98
C VAL B 239 -30.57 17.93 -39.29
N ASP B 240 -31.71 18.25 -39.89
CA ASP B 240 -32.10 17.68 -41.19
C ASP B 240 -31.09 18.02 -42.28
N ALA B 241 -30.73 19.30 -42.34
CA ALA B 241 -29.76 19.77 -43.33
C ALA B 241 -28.41 19.07 -43.14
N ILE B 242 -27.98 18.96 -41.89
CA ILE B 242 -26.76 18.22 -41.54
C ILE B 242 -26.84 16.77 -42.05
N THR B 243 -27.94 16.09 -41.71
CA THR B 243 -28.14 14.69 -42.11
C THR B 243 -28.06 14.49 -43.62
N THR B 244 -28.82 15.32 -44.35
CA THR B 244 -28.88 15.22 -45.81
C THR B 244 -27.52 15.32 -46.46
N THR B 245 -26.70 16.26 -45.99
CA THR B 245 -25.41 16.52 -46.64
C THR B 245 -24.41 15.38 -46.44
N LEU B 246 -24.49 14.69 -45.30
CA LEU B 246 -23.63 13.53 -45.02
C LEU B 246 -23.96 12.34 -45.90
N SER B 247 -25.19 12.27 -46.38
CA SER B 247 -25.65 11.18 -47.24
C SER B 247 -25.51 11.50 -48.74
N LEU B 248 -24.98 12.68 -49.06
CA LEU B 248 -24.69 13.01 -50.46
C LEU B 248 -23.53 12.16 -50.96
N LYS B 249 -23.70 11.50 -52.11
CA LYS B 249 -22.82 10.40 -52.50
C LYS B 249 -21.74 10.76 -53.52
N SER B 250 -21.73 12.00 -53.99
CA SER B 250 -20.67 12.43 -54.92
C SER B 250 -20.30 13.89 -54.70
N ILE B 251 -19.19 14.28 -55.31
CA ILE B 251 -18.74 15.68 -55.26
C ILE B 251 -19.65 16.57 -56.11
N ASP B 252 -20.14 16.04 -57.23
CA ASP B 252 -21.10 16.78 -58.05
C ASP B 252 -22.33 17.15 -57.25
N GLU B 253 -22.84 16.20 -56.46
CA GLU B 253 -24.01 16.45 -55.62
C GLU B 253 -23.73 17.51 -54.55
N ILE B 254 -22.49 17.53 -54.04
CA ILE B 254 -22.03 18.59 -53.15
C ILE B 254 -22.00 19.93 -53.89
N ALA B 255 -21.48 19.92 -55.12
CA ALA B 255 -21.45 21.12 -55.95
C ALA B 255 -22.85 21.69 -56.19
N GLN B 256 -23.81 20.82 -56.44
CA GLN B 256 -25.21 21.22 -56.62
C GLN B 256 -25.77 21.93 -55.39
N ARG B 257 -25.36 21.50 -54.20
CA ARG B 257 -25.89 22.05 -52.96
C ARG B 257 -25.21 23.36 -52.53
N VAL B 258 -23.87 23.42 -52.56
CA VAL B 258 -23.12 24.60 -52.08
C VAL B 258 -22.38 25.36 -53.18
N GLY B 259 -22.43 24.88 -54.42
CA GLY B 259 -21.77 25.53 -55.53
C GLY B 259 -20.45 24.89 -55.91
N GLU B 260 -20.12 24.99 -57.19
CA GLU B 260 -18.86 24.46 -57.73
C GLU B 260 -17.63 25.28 -57.26
N GLU B 261 -17.85 26.57 -56.93
CA GLU B 261 -16.79 27.48 -56.52
C GLU B 261 -16.50 27.44 -55.03
N HIS B 262 -17.26 26.62 -54.32
CA HIS B 262 -17.04 26.41 -52.90
C HIS B 262 -15.68 25.77 -52.66
N GLU B 263 -14.95 26.30 -51.68
CA GLU B 263 -13.59 25.83 -51.38
C GLU B 263 -13.49 24.31 -51.32
N ALA B 264 -14.36 23.69 -50.52
CA ALA B 264 -14.45 22.24 -50.40
C ALA B 264 -14.46 21.50 -51.75
N VAL B 265 -15.26 21.99 -52.68
CA VAL B 265 -15.37 21.33 -53.99
C VAL B 265 -14.06 21.48 -54.76
N LYS B 266 -13.59 22.71 -54.90
CA LYS B 266 -12.33 23.00 -55.59
C LYS B 266 -11.17 22.19 -54.99
N GLU B 267 -11.10 22.17 -53.67
CA GLU B 267 -10.02 21.47 -52.97
C GLU B 267 -10.09 19.95 -53.15
N LEU B 268 -11.27 19.37 -52.99
CA LEU B 268 -11.44 17.93 -53.16
C LEU B 268 -11.12 17.48 -54.58
N ARG B 269 -11.48 18.31 -55.57
CA ARG B 269 -11.17 17.98 -56.96
C ARG B 269 -9.68 17.95 -57.19
N GLN B 270 -8.98 18.98 -56.70
CA GLN B 270 -7.52 19.03 -56.75
C GLN B 270 -6.93 17.79 -56.12
N PHE B 271 -7.40 17.47 -54.93
CA PHE B 271 -6.94 16.30 -54.19
C PHE B 271 -6.98 15.01 -55.02
N PHE B 272 -8.14 14.68 -55.59
CA PHE B 272 -8.26 13.43 -56.36
C PHE B 272 -7.45 13.46 -57.65
N GLU B 273 -7.41 14.62 -58.29
CA GLU B 273 -6.59 14.80 -59.49
C GLU B 273 -5.13 14.44 -59.15
N GLN B 274 -4.64 14.94 -58.01
CA GLN B 274 -3.25 14.69 -57.61
C GLN B 274 -2.93 13.24 -57.23
N VAL B 275 -3.83 12.62 -56.48
CA VAL B 275 -3.64 11.20 -56.13
C VAL B 275 -3.71 10.30 -57.36
N GLU B 276 -4.62 10.64 -58.27
CA GLU B 276 -4.71 9.96 -59.57
C GLU B 276 -3.36 10.07 -60.28
N ALA B 277 -2.80 11.27 -60.33
CA ALA B 277 -1.52 11.53 -60.99
C ALA B 277 -0.34 10.78 -60.35
N TYR B 278 -0.36 10.65 -59.02
CA TYR B 278 0.68 9.90 -58.30
C TYR B 278 0.54 8.37 -58.49
N GLY B 279 -0.63 7.92 -58.96
CA GLY B 279 -0.85 6.52 -59.30
C GLY B 279 -1.60 5.70 -58.26
N TYR B 280 -2.28 6.37 -57.32
CA TYR B 280 -3.01 5.68 -56.25
C TYR B 280 -4.51 5.97 -56.31
N GLY B 281 -5.01 6.30 -57.50
CA GLY B 281 -6.43 6.58 -57.69
C GLY B 281 -7.36 5.48 -57.22
N ASP B 282 -6.96 4.22 -57.37
CA ASP B 282 -7.77 3.09 -56.95
C ASP B 282 -7.90 2.99 -55.41
N TRP B 283 -7.02 3.67 -54.68
CA TRP B 283 -7.00 3.57 -53.21
C TRP B 283 -7.90 4.58 -52.50
N VAL B 284 -8.39 5.58 -53.22
CA VAL B 284 -9.07 6.71 -52.59
C VAL B 284 -10.45 6.96 -53.18
N LEU B 285 -11.33 7.52 -52.36
CA LEU B 285 -12.69 7.79 -52.76
C LEU B 285 -13.34 8.82 -51.85
N PHE B 286 -14.42 9.43 -52.35
CA PHE B 286 -15.16 10.44 -51.60
C PHE B 286 -16.25 9.81 -50.72
N ASP B 287 -16.35 10.27 -49.47
CA ASP B 287 -17.41 9.85 -48.57
C ASP B 287 -17.81 11.05 -47.70
N ALA B 288 -19.00 11.59 -47.96
CA ALA B 288 -19.48 12.78 -47.25
C ALA B 288 -19.80 12.57 -45.76
N SER B 289 -19.80 11.32 -45.30
CA SER B 289 -20.05 11.04 -43.88
C SER B 289 -18.79 11.10 -43.00
N VAL B 290 -17.61 11.11 -43.62
CA VAL B 290 -16.37 11.16 -42.86
C VAL B 290 -16.11 12.57 -42.31
N VAL B 291 -16.07 12.70 -40.98
CA VAL B 291 -15.70 13.97 -40.34
C VAL B 291 -14.56 13.86 -39.32
N ARG B 292 -14.33 12.65 -38.79
CA ARG B 292 -13.42 12.41 -37.66
C ARG B 292 -13.92 13.00 -36.34
N GLY B 293 -13.38 12.46 -35.24
CA GLY B 293 -13.84 12.79 -33.91
C GLY B 293 -13.11 13.94 -33.23
N LEU B 294 -12.12 14.51 -33.90
CA LEU B 294 -11.27 15.52 -33.27
C LEU B 294 -11.74 16.93 -33.58
N ALA B 295 -11.69 17.79 -32.56
CA ALA B 295 -12.23 19.13 -32.64
C ALA B 295 -11.49 19.98 -33.65
N TYR B 296 -10.18 19.76 -33.78
CA TYR B 296 -9.33 20.72 -34.47
C TYR B 296 -9.29 20.63 -36.00
N TYR B 297 -9.91 19.62 -36.62
CA TYR B 297 -9.85 19.53 -38.09
C TYR B 297 -10.71 20.61 -38.73
N THR B 298 -10.14 21.33 -39.69
CA THR B 298 -10.79 22.48 -40.33
C THR B 298 -11.16 22.25 -41.79
N GLY B 299 -10.41 21.41 -42.49
CA GLY B 299 -10.61 21.21 -43.91
C GLY B 299 -10.79 19.75 -44.29
N ILE B 300 -9.97 19.27 -45.23
CA ILE B 300 -10.01 17.87 -45.65
C ILE B 300 -9.79 16.93 -44.46
N VAL B 301 -10.56 15.87 -44.39
CA VAL B 301 -10.41 14.83 -43.40
C VAL B 301 -10.47 13.50 -44.10
N PHE B 302 -9.81 12.48 -43.54
CA PHE B 302 -9.76 11.18 -44.18
C PHE B 302 -9.53 10.03 -43.20
N GLU B 303 -9.88 8.83 -43.61
CA GLU B 303 -9.64 7.64 -42.81
C GLU B 303 -9.55 6.38 -43.66
N GLY B 304 -8.64 5.50 -43.26
CA GLY B 304 -8.44 4.23 -43.94
C GLY B 304 -9.42 3.21 -43.40
N PHE B 305 -9.83 2.28 -44.26
CA PHE B 305 -10.81 1.26 -43.89
C PHE B 305 -10.55 -0.02 -44.68
N ASP B 306 -10.91 -1.17 -44.12
CA ASP B 306 -10.86 -2.42 -44.89
C ASP B 306 -12.10 -2.55 -45.75
N ARG B 307 -11.91 -3.02 -46.98
CA ARG B 307 -12.98 -3.15 -47.96
C ARG B 307 -14.01 -4.24 -47.64
N GLU B 308 -13.77 -5.03 -46.59
CA GLU B 308 -14.73 -6.06 -46.17
C GLU B 308 -15.63 -5.57 -45.03
N GLY B 309 -15.41 -4.36 -44.54
CA GLY B 309 -16.24 -3.78 -43.49
C GLY B 309 -16.13 -4.49 -42.16
N LYS B 310 -14.98 -5.09 -41.89
CA LYS B 310 -14.77 -5.89 -40.68
C LYS B 310 -14.14 -5.17 -39.50
N PHE B 311 -13.33 -4.15 -39.78
CA PHE B 311 -12.54 -3.51 -38.73
C PHE B 311 -12.86 -2.05 -38.60
N ARG B 312 -12.51 -1.49 -37.45
CA ARG B 312 -12.53 -0.05 -37.24
C ARG B 312 -11.48 0.62 -38.13
N ALA B 313 -11.36 1.94 -38.03
CA ALA B 313 -10.51 2.70 -38.94
C ALA B 313 -9.04 2.33 -38.77
N LEU B 314 -8.34 2.18 -39.90
CA LEU B 314 -6.92 1.82 -39.91
C LEU B 314 -6.03 3.02 -39.65
N CYS B 315 -6.46 4.18 -40.10
CA CYS B 315 -5.75 5.42 -39.85
C CYS B 315 -6.71 6.57 -40.06
N GLY B 316 -6.35 7.74 -39.58
CA GLY B 316 -7.22 8.90 -39.64
C GLY B 316 -6.44 10.19 -39.49
N GLY B 317 -6.95 11.25 -40.11
CA GLY B 317 -6.28 12.53 -40.08
C GLY B 317 -7.04 13.61 -40.80
N GLY B 318 -6.36 14.72 -41.05
CA GLY B 318 -6.99 15.85 -41.68
C GLY B 318 -6.19 17.11 -41.52
N ARG B 319 -6.70 18.19 -42.11
CA ARG B 319 -6.08 19.50 -42.01
C ARG B 319 -6.58 20.19 -40.74
N TYR B 320 -5.68 20.83 -40.01
CA TYR B 320 -6.03 21.57 -38.80
C TYR B 320 -5.32 22.93 -38.77
N ASP B 321 -5.84 23.88 -39.52
CA ASP B 321 -5.18 25.17 -39.75
C ASP B 321 -5.29 26.19 -38.61
N ASN B 322 -6.14 25.94 -37.63
CA ASN B 322 -6.28 26.87 -36.53
C ASN B 322 -5.50 26.46 -35.28
N LEU B 323 -5.18 25.17 -35.15
CA LEU B 323 -4.68 24.65 -33.87
C LEU B 323 -3.61 25.53 -33.24
N LEU B 324 -2.63 25.94 -34.04
CA LEU B 324 -1.52 26.73 -33.51
C LEU B 324 -1.95 28.14 -33.10
N THR B 325 -2.96 28.68 -33.79
CA THR B 325 -3.54 29.94 -33.38
C THR B 325 -4.19 29.81 -32.00
N THR B 326 -4.92 28.71 -31.77
CA THR B 326 -5.53 28.49 -30.44
C THR B 326 -4.47 28.36 -29.35
N TYR B 327 -3.30 27.83 -29.70
CA TYR B 327 -2.18 27.72 -28.75
C TYR B 327 -1.43 29.04 -28.54
N GLY B 328 -1.75 30.07 -29.31
CA GLY B 328 -1.16 31.40 -29.14
C GLY B 328 -0.14 31.83 -30.20
N SER B 329 -0.04 31.12 -31.32
CA SER B 329 0.85 31.55 -32.39
C SER B 329 0.42 32.93 -32.88
N PRO B 330 1.35 33.89 -32.94
CA PRO B 330 0.98 35.21 -33.48
C PRO B 330 0.52 35.15 -34.94
N THR B 331 1.05 34.21 -35.70
CA THR B 331 0.64 34.03 -37.08
C THR B 331 0.00 32.65 -37.27
N PRO B 332 -1.08 32.56 -38.06
CA PRO B 332 -1.66 31.24 -38.31
C PRO B 332 -0.66 30.33 -39.02
N ILE B 333 -0.70 29.04 -38.70
CA ILE B 333 0.23 28.08 -39.25
C ILE B 333 -0.55 26.91 -39.83
N PRO B 334 -0.52 26.76 -41.16
CA PRO B 334 -1.17 25.63 -41.82
C PRO B 334 -0.55 24.32 -41.36
N CYS B 335 -1.40 23.32 -41.15
CA CYS B 335 -0.97 21.99 -40.71
C CYS B 335 -1.94 20.94 -41.23
N ALA B 336 -1.41 19.75 -41.49
CA ALA B 336 -2.24 18.59 -41.76
C ALA B 336 -1.44 17.37 -41.40
N GLY B 337 -2.12 16.28 -41.05
CA GLY B 337 -1.43 15.08 -40.63
C GLY B 337 -2.37 13.93 -40.40
N PHE B 338 -1.84 12.83 -39.91
CA PHE B 338 -2.65 11.67 -39.60
C PHE B 338 -1.97 10.79 -38.58
N GLY B 339 -2.77 9.87 -38.07
CA GLY B 339 -2.32 8.89 -37.12
C GLY B 339 -2.74 7.54 -37.61
N PHE B 340 -1.92 6.55 -37.29
CA PHE B 340 -2.01 5.24 -37.89
C PHE B 340 -1.64 4.28 -36.78
N GLY B 341 -2.66 3.65 -36.20
CA GLY B 341 -2.47 2.84 -34.98
C GLY B 341 -1.85 1.51 -35.31
N ASP B 342 -1.36 0.81 -34.28
CA ASP B 342 -0.66 -0.46 -34.47
C ASP B 342 -1.54 -1.69 -34.22
N CYS B 343 -2.76 -1.51 -33.73
CA CYS B 343 -3.58 -2.65 -33.34
C CYS B 343 -4.50 -3.13 -34.48
N VAL B 344 -5.26 -2.21 -35.08
CA VAL B 344 -6.21 -2.62 -36.12
C VAL B 344 -5.49 -3.14 -37.34
N ILE B 345 -4.46 -2.43 -37.78
CA ILE B 345 -3.67 -2.89 -38.92
C ILE B 345 -3.17 -4.33 -38.78
N VAL B 346 -2.73 -4.70 -37.59
CA VAL B 346 -2.15 -6.02 -37.34
C VAL B 346 -3.22 -7.10 -37.45
N GLU B 347 -4.37 -6.85 -36.84
CA GLU B 347 -5.53 -7.72 -36.98
C GLU B 347 -5.89 -7.96 -38.44
N LEU B 348 -5.91 -6.89 -39.23
CA LEU B 348 -6.22 -7.00 -40.64
C LEU B 348 -5.19 -7.88 -41.35
N LEU B 349 -3.91 -7.58 -41.10
CA LEU B 349 -2.82 -8.36 -41.70
C LEU B 349 -2.89 -9.84 -41.29
N GLN B 350 -3.29 -10.12 -40.06
CA GLN B 350 -3.48 -11.49 -39.60
C GLN B 350 -4.59 -12.17 -40.38
N GLU B 351 -5.75 -11.51 -40.49
CA GLU B 351 -6.85 -12.01 -41.33
C GLU B 351 -6.42 -12.33 -42.75
N LYS B 352 -5.59 -11.46 -43.33
CA LYS B 352 -5.13 -11.61 -44.71
C LYS B 352 -3.92 -12.56 -44.86
N ARG B 353 -3.47 -13.12 -43.75
CA ARG B 353 -2.29 -14.01 -43.72
C ARG B 353 -1.03 -13.31 -44.22
N LEU B 354 -0.90 -12.02 -43.88
CA LEU B 354 0.27 -11.23 -44.25
C LEU B 354 1.22 -11.01 -43.08
N LEU B 355 0.98 -11.68 -41.95
CA LEU B 355 1.87 -11.63 -40.80
C LEU B 355 2.41 -13.01 -40.43
N PRO B 356 3.13 -13.65 -41.37
CA PRO B 356 3.69 -14.94 -40.99
C PRO B 356 4.71 -14.74 -39.86
N ASP B 357 4.88 -15.77 -39.04
CA ASP B 357 5.90 -15.75 -38.02
C ASP B 357 7.25 -15.56 -38.71
N ILE B 358 7.96 -14.51 -38.32
CA ILE B 358 9.31 -14.26 -38.76
C ILE B 358 10.21 -14.93 -37.73
N PRO B 359 10.92 -16.00 -38.09
CA PRO B 359 11.79 -16.58 -37.08
C PRO B 359 13.07 -15.77 -36.94
N HIS B 360 13.61 -15.67 -35.73
CA HIS B 360 14.91 -15.03 -35.52
C HIS B 360 15.96 -15.68 -36.41
N VAL B 361 16.90 -14.88 -36.89
CA VAL B 361 18.05 -15.40 -37.65
C VAL B 361 19.35 -14.77 -37.15
N VAL B 362 20.45 -15.42 -37.54
CA VAL B 362 21.81 -14.99 -37.22
C VAL B 362 22.69 -15.67 -38.27
N ASP B 363 23.78 -15.02 -38.67
CA ASP B 363 24.59 -15.54 -39.77
C ASP B 363 25.38 -16.76 -39.35
N ASP B 364 26.14 -16.63 -38.27
CA ASP B 364 27.03 -17.71 -37.82
C ASP B 364 26.87 -18.05 -36.35
N VAL B 365 26.93 -19.34 -36.04
CA VAL B 365 27.12 -19.79 -34.68
C VAL B 365 28.48 -20.50 -34.58
N VAL B 366 29.36 -19.90 -33.80
CA VAL B 366 30.70 -20.40 -33.56
C VAL B 366 30.63 -21.43 -32.43
N ILE B 367 31.13 -22.62 -32.73
CA ILE B 367 31.11 -23.73 -31.77
C ILE B 367 32.53 -24.14 -31.41
N PRO B 368 32.91 -23.94 -30.15
CA PRO B 368 34.18 -24.50 -29.70
C PRO B 368 34.03 -25.99 -29.52
N PHE B 369 34.97 -26.76 -30.06
CA PHE B 369 34.91 -28.21 -29.91
C PHE B 369 34.85 -28.60 -28.45
N ASP B 370 35.56 -27.87 -27.60
CA ASP B 370 35.49 -28.02 -26.14
C ASP B 370 36.05 -26.75 -25.52
N GLU B 371 36.11 -26.69 -24.19
CA GLU B 371 36.53 -25.45 -23.50
C GLU B 371 37.97 -25.04 -23.79
N SER B 372 38.84 -26.00 -24.11
CA SER B 372 40.21 -25.67 -24.49
C SER B 372 40.24 -24.86 -25.79
N MET B 373 39.20 -24.98 -26.61
CA MET B 373 39.08 -24.21 -27.85
C MET B 373 38.37 -22.85 -27.74
N ARG B 374 37.86 -22.51 -26.55
CA ARG B 374 37.11 -21.26 -26.38
C ARG B 374 37.89 -19.99 -26.76
N PRO B 375 39.13 -19.86 -26.28
CA PRO B 375 39.89 -18.67 -26.69
C PRO B 375 40.08 -18.55 -28.22
N HIS B 376 40.27 -19.66 -28.90
CA HIS B 376 40.42 -19.64 -30.36
C HIS B 376 39.08 -19.32 -31.02
N ALA B 377 38.00 -19.87 -30.48
CA ALA B 377 36.66 -19.59 -31.00
C ALA B 377 36.28 -18.11 -30.83
N LEU B 378 36.82 -17.49 -29.80
CA LEU B 378 36.58 -16.06 -29.56
C LEU B 378 37.29 -15.21 -30.60
N ALA B 379 38.52 -15.58 -30.94
CA ALA B 379 39.25 -14.89 -32.01
C ALA B 379 38.47 -14.99 -33.32
N VAL B 380 37.91 -16.17 -33.59
CA VAL B 380 37.13 -16.40 -34.81
C VAL B 380 35.84 -15.56 -34.78
N LEU B 381 35.10 -15.67 -33.68
CA LEU B 381 33.90 -14.87 -33.44
C LEU B 381 34.17 -13.40 -33.71
N ARG B 382 35.25 -12.88 -33.14
CA ARG B 382 35.65 -11.50 -33.35
C ARG B 382 35.78 -11.17 -34.84
N ARG B 383 36.48 -12.02 -35.59
CA ARG B 383 36.71 -11.78 -37.01
C ARG B 383 35.37 -11.76 -37.74
N LEU B 384 34.51 -12.72 -37.44
CA LEU B 384 33.19 -12.76 -38.06
C LEU B 384 32.41 -11.46 -37.84
N ARG B 385 32.43 -10.94 -36.60
CA ARG B 385 31.72 -9.71 -36.29
C ARG B 385 32.38 -8.46 -36.87
N ASP B 386 33.71 -8.47 -36.99
CA ASP B 386 34.43 -7.36 -37.63
C ASP B 386 34.00 -7.16 -39.09
N ALA B 387 33.64 -8.26 -39.76
CA ALA B 387 33.22 -8.20 -41.16
C ALA B 387 31.73 -7.87 -41.33
N GLY B 388 31.03 -7.57 -40.24
CA GLY B 388 29.63 -7.17 -40.31
C GLY B 388 28.65 -8.32 -40.31
N ARG B 389 29.09 -9.49 -39.87
CA ARG B 389 28.21 -10.63 -39.74
C ARG B 389 27.58 -10.67 -38.33
N SER B 390 26.43 -11.30 -38.22
CA SER B 390 25.78 -11.48 -36.94
C SER B 390 26.15 -12.88 -36.49
N ALA B 391 26.83 -12.97 -35.36
CA ALA B 391 27.39 -14.22 -34.88
C ALA B 391 27.16 -14.43 -33.40
N ASP B 392 26.84 -15.68 -33.06
CA ASP B 392 26.88 -16.17 -31.69
C ASP B 392 28.12 -17.03 -31.47
N ILE B 393 28.53 -17.12 -30.22
CA ILE B 393 29.40 -18.19 -29.75
C ILE B 393 28.64 -18.95 -28.69
N ILE B 394 28.77 -20.26 -28.70
CA ILE B 394 28.10 -21.09 -27.70
C ILE B 394 28.70 -20.75 -26.34
N LEU B 395 27.88 -20.24 -25.43
CA LEU B 395 28.38 -19.67 -24.18
C LEU B 395 28.63 -20.69 -23.07
N ASP B 396 27.71 -21.61 -22.84
CA ASP B 396 27.91 -22.59 -21.74
C ASP B 396 28.55 -23.86 -22.30
N LYS B 397 28.80 -24.81 -21.42
CA LYS B 397 29.51 -26.03 -21.75
C LYS B 397 28.52 -27.02 -22.35
N LYS B 398 28.76 -27.43 -23.59
CA LYS B 398 27.92 -28.47 -24.19
C LYS B 398 28.58 -29.22 -25.35
N LYS B 399 28.04 -30.41 -25.65
CA LYS B 399 28.57 -31.27 -26.69
C LYS B 399 28.23 -30.72 -28.08
N VAL B 400 29.11 -31.02 -29.04
CA VAL B 400 29.03 -30.45 -30.40
C VAL B 400 27.65 -30.59 -31.03
N VAL B 401 27.11 -31.79 -31.01
CA VAL B 401 25.78 -32.07 -31.55
C VAL B 401 24.67 -31.21 -30.92
N GLN B 402 24.79 -30.92 -29.62
CA GLN B 402 23.83 -30.03 -28.97
C GLN B 402 24.05 -28.58 -29.41
N ALA B 403 25.31 -28.20 -29.59
CA ALA B 403 25.63 -26.89 -30.14
C ALA B 403 25.01 -26.72 -31.53
N PHE B 404 25.07 -27.78 -32.34
CA PHE B 404 24.47 -27.75 -33.68
C PHE B 404 22.96 -27.61 -33.60
N ASN B 405 22.33 -28.32 -32.69
CA ASN B 405 20.89 -28.22 -32.49
C ASN B 405 20.52 -26.79 -32.15
N TYR B 406 21.22 -26.23 -31.17
CA TYR B 406 21.04 -24.82 -30.79
C TYR B 406 21.15 -23.87 -31.99
N ALA B 407 22.17 -24.09 -32.81
CA ALA B 407 22.39 -23.28 -33.99
C ALA B 407 21.17 -23.28 -34.91
N ASP B 408 20.55 -24.45 -35.07
CA ASP B 408 19.33 -24.57 -35.88
C ASP B 408 18.17 -23.84 -35.20
N ARG B 409 18.03 -24.00 -33.89
CA ARG B 409 16.98 -23.35 -33.10
C ARG B 409 16.97 -21.83 -33.27
N VAL B 410 18.15 -21.21 -33.25
CA VAL B 410 18.26 -19.76 -33.41
C VAL B 410 18.31 -19.30 -34.87
N GLY B 411 18.06 -20.21 -35.81
CA GLY B 411 18.02 -19.84 -37.22
C GLY B 411 19.36 -19.40 -37.78
N ALA B 412 20.43 -20.03 -37.32
CA ALA B 412 21.76 -19.78 -37.87
C ALA B 412 21.83 -20.22 -39.32
N VAL B 413 22.38 -19.35 -40.17
CA VAL B 413 22.61 -19.70 -41.56
C VAL B 413 23.76 -20.70 -41.64
N ARG B 414 24.66 -20.63 -40.67
CA ARG B 414 25.94 -21.32 -40.77
C ARG B 414 26.50 -21.67 -39.39
N ALA B 415 27.00 -22.90 -39.24
CA ALA B 415 27.69 -23.34 -38.03
C ALA B 415 29.20 -23.44 -38.27
N VAL B 416 29.98 -22.80 -37.40
CA VAL B 416 31.42 -22.74 -37.53
C VAL B 416 32.08 -23.46 -36.36
N LEU B 417 32.44 -24.73 -36.59
CA LEU B 417 33.07 -25.55 -35.56
C LEU B 417 34.56 -25.26 -35.48
N VAL B 418 35.04 -24.94 -34.27
CA VAL B 418 36.44 -24.67 -34.01
C VAL B 418 37.04 -25.86 -33.26
N ALA B 419 37.68 -26.76 -34.01
CA ALA B 419 38.26 -27.98 -33.44
C ALA B 419 39.79 -27.92 -33.43
N PRO B 420 40.42 -28.62 -32.48
CA PRO B 420 41.88 -28.60 -32.36
C PRO B 420 42.62 -29.08 -33.62
N GLU B 421 42.07 -30.05 -34.33
CA GLU B 421 42.72 -30.59 -35.54
C GLU B 421 42.86 -29.53 -36.63
N GLU B 422 41.73 -28.93 -37.01
CA GLU B 422 41.69 -27.93 -38.07
C GLU B 422 42.50 -26.68 -37.70
N TRP B 423 42.43 -26.30 -36.42
CA TRP B 423 43.07 -25.08 -35.94
C TRP B 423 44.58 -25.07 -36.17
N GLU B 424 45.22 -26.23 -35.98
CA GLU B 424 46.65 -26.36 -36.24
C GLU B 424 46.99 -26.16 -37.72
N ARG B 425 46.02 -26.42 -38.60
CA ARG B 425 46.17 -26.16 -40.04
C ARG B 425 45.80 -24.72 -40.42
N GLY B 426 45.44 -23.90 -39.43
CA GLY B 426 44.91 -22.56 -39.68
C GLY B 426 43.51 -22.58 -40.29
N GLU B 427 42.68 -23.52 -39.84
CA GLU B 427 41.34 -23.70 -40.40
C GLU B 427 40.26 -23.96 -39.35
N VAL B 428 39.00 -23.89 -39.81
CA VAL B 428 37.83 -24.31 -39.03
C VAL B 428 36.88 -25.12 -39.93
N GLN B 429 35.95 -25.83 -39.31
CA GLN B 429 34.92 -26.56 -40.04
C GLN B 429 33.67 -25.72 -40.17
N VAL B 430 33.23 -25.50 -41.40
CA VAL B 430 32.03 -24.72 -41.70
C VAL B 430 30.94 -25.63 -42.23
N LYS B 431 29.72 -25.47 -41.72
CA LYS B 431 28.58 -26.26 -42.15
C LYS B 431 27.37 -25.35 -42.41
N MET B 432 26.75 -25.51 -43.58
CA MET B 432 25.60 -24.71 -43.97
C MET B 432 24.30 -25.37 -43.49
N LEU B 433 23.27 -24.57 -43.22
CA LEU B 433 22.03 -25.08 -42.62
C LEU B 433 20.74 -24.69 -43.35
N GLY B 447 29.90 -30.87 -44.22
CA GLY B 447 30.61 -29.75 -43.64
C GLY B 447 32.08 -29.77 -44.00
N PHE B 448 32.66 -28.59 -44.24
CA PHE B 448 33.97 -28.47 -44.90
C PHE B 448 34.96 -27.59 -44.14
N ALA B 449 36.25 -27.84 -44.35
CA ALA B 449 37.31 -27.07 -43.69
C ALA B 449 37.63 -25.80 -44.49
N VAL B 450 37.89 -24.70 -43.79
CA VAL B 450 38.08 -23.38 -44.42
C VAL B 450 39.20 -22.58 -43.71
N PRO B 451 40.02 -21.84 -44.46
CA PRO B 451 40.99 -20.94 -43.80
C PRO B 451 40.32 -19.72 -43.18
N LEU B 452 40.92 -19.19 -42.12
CA LEU B 452 40.31 -18.12 -41.34
C LEU B 452 40.09 -16.83 -42.13
N ASP B 453 41.08 -16.46 -42.94
CA ASP B 453 40.97 -15.27 -43.78
C ASP B 453 39.85 -15.39 -44.82
N ARG B 454 39.53 -16.63 -45.22
CA ARG B 454 38.47 -16.89 -46.20
C ARG B 454 37.07 -16.99 -45.60
N LEU B 455 36.93 -16.91 -44.28
CA LEU B 455 35.63 -17.06 -43.62
C LEU B 455 34.64 -15.92 -43.89
N VAL B 456 35.16 -14.74 -44.23
CA VAL B 456 34.32 -13.54 -44.34
C VAL B 456 34.29 -12.99 -45.76
#